data_9HE6
#
_entry.id   9HE6
#
_cell.length_a   272.859
_cell.length_b   74.840
_cell.length_c   105.579
_cell.angle_alpha   90.00
_cell.angle_beta   111.61
_cell.angle_gamma   90.00
#
_symmetry.space_group_name_H-M   'C 1 2 1'
#
loop_
_entity.id
_entity.type
_entity.pdbx_description
1 polymer 'Heme-thiolate peroxidase'
2 branched alpha-D-mannopyranose-(1-3)-[alpha-D-mannopyranose-(1-6)]beta-D-mannopyranose-(1-4)-2-acetamido-2-deoxy-beta-D-glucopyranose-(1-4)-2-acetamido-2-deoxy-beta-D-glucopyranose
3 branched alpha-D-mannopyranose-(1-3)-[alpha-D-mannopyranose-(1-6)]alpha-D-mannopyranose-(1-6)-[alpha-D-mannopyranose-(1-3)]beta-D-mannopyranose-(1-4)-2-acetamido-2-deoxy-beta-D-glucopyranose-(1-4)-2-acetamido-2-deoxy-beta-D-glucopyranose
4 branched 2-acetamido-2-deoxy-beta-D-glucopyranose-(1-4)-2-acetamido-2-deoxy-beta-D-glucopyranose
5 branched alpha-D-mannopyranose-(1-3)-alpha-D-mannopyranose-(1-6)-[alpha-D-mannopyranose-(1-3)]beta-D-mannopyranose-(1-4)-2-acetamido-2-deoxy-beta-D-glucopyranose-(1-4)-2-acetamido-2-deoxy-beta-D-glucopyranose
6 branched alpha-D-mannopyranose-(1-3)-beta-D-mannopyranose-(1-4)-2-acetamido-2-deoxy-beta-D-glucopyranose-(1-4)-2-acetamido-2-deoxy-beta-D-glucopyranose
7 non-polymer GLYCEROL
8 non-polymer '4-(2-HYDROXYETHYL)-1-PIPERAZINE ETHANESULFONIC ACID'
9 non-polymer 'PROTOPORPHYRIN IX CONTAINING FE'
10 non-polymer 'MAGNESIUM ION'
11 non-polymer 'SULFATE ION'
12 water water
#
_entity_poly.entity_id   1
_entity_poly.type   'polypeptide(L)'
_entity_poly.pdbx_seq_one_letter_code
;QGVDPPPPPGPPSFTGTKLVNDADHPWQPLREGDIRGPCPGLNTLASHGYLPRDGVATPAQIITATQEGFNFENNAAIVA
TYLGHLLNGNLVTDLLSIGGATPKTGPPPPPPAHAGGLNVHGTFEGDAGMTRADEFFGDNHSFNQTLFDKFVDFSNRYGG
GFYNLTVAGELRYSRIQDSIATNPEFQFKNVRFITAYGETVFPINLFVDGRVTTDRKLSMEDAASIFRDMRFPDDFHRSA
VPASNEGADQVLAAHPWVPGGNADNQVNNYVEDPDSADFTHLCRLYEFVVGSVQELYPNPTGILRRNLIKNLHYWWTGVN
VAFGGCDELFPYGQL
;
_entity_poly.pdbx_strand_id   A,B,C
#
# COMPACT_ATOMS: atom_id res chain seq x y z
N GLN A 1 -11.43 -10.04 49.15
CA GLN A 1 -10.88 -10.85 48.03
C GLN A 1 -9.78 -10.08 47.30
N GLY A 2 -8.82 -9.55 48.08
CA GLY A 2 -7.76 -8.72 47.54
C GLY A 2 -6.45 -9.51 47.43
N VAL A 3 -5.38 -8.79 47.11
CA VAL A 3 -4.08 -9.40 46.86
C VAL A 3 -3.07 -8.55 47.62
N ASP A 4 -1.95 -9.18 48.00
CA ASP A 4 -0.82 -8.47 48.57
C ASP A 4 0.17 -8.12 47.45
N PRO A 5 0.40 -6.83 47.13
CA PRO A 5 1.26 -6.44 46.01
C PRO A 5 2.76 -6.70 46.23
N PRO A 6 3.42 -7.47 45.33
CA PRO A 6 4.86 -7.74 45.43
C PRO A 6 5.65 -6.46 45.15
N PRO A 7 6.88 -6.34 45.67
CA PRO A 7 7.75 -5.23 45.28
C PRO A 7 8.05 -5.31 43.78
N PRO A 8 8.46 -4.19 43.16
CA PRO A 8 8.81 -4.21 41.73
C PRO A 8 9.95 -5.18 41.42
N PRO A 9 9.89 -5.93 40.30
CA PRO A 9 11.02 -6.73 39.82
C PRO A 9 12.24 -5.83 39.56
N GLY A 10 13.43 -6.41 39.73
CA GLY A 10 14.67 -5.75 39.39
C GLY A 10 15.01 -5.91 37.91
N PRO A 11 16.19 -5.43 37.47
CA PRO A 11 16.62 -5.52 36.08
C PRO A 11 16.75 -6.99 35.67
N PRO A 12 16.69 -7.34 34.38
CA PRO A 12 16.94 -8.72 33.94
C PRO A 12 18.39 -9.17 34.20
N SER A 13 18.57 -10.49 34.39
CA SER A 13 19.89 -11.09 34.54
CA SER A 13 19.89 -11.08 34.55
C SER A 13 20.75 -10.85 33.29
N PHE A 14 20.19 -11.19 32.12
CA PHE A 14 20.81 -10.94 30.83
C PHE A 14 20.26 -9.64 30.26
N THR A 15 21.15 -8.69 29.96
CA THR A 15 20.76 -7.39 29.46
C THR A 15 21.27 -7.16 28.03
N GLY A 16 21.72 -8.22 27.34
CA GLY A 16 22.15 -8.09 25.96
C GLY A 16 20.99 -8.21 24.97
N THR A 17 21.29 -8.15 23.67
CA THR A 17 20.30 -8.36 22.63
C THR A 17 19.93 -9.84 22.60
N LYS A 18 18.72 -10.12 22.11
CA LYS A 18 18.27 -11.47 21.83
C LYS A 18 17.08 -11.39 20.88
N LEU A 19 16.75 -12.52 20.24
CA LEU A 19 15.53 -12.64 19.47
C LEU A 19 14.36 -12.58 20.44
N VAL A 20 13.41 -11.67 20.19
CA VAL A 20 12.22 -11.57 21.04
C VAL A 20 10.98 -12.06 20.28
N ASN A 21 11.01 -11.98 18.95
CA ASN A 21 9.98 -12.54 18.09
C ASN A 21 10.25 -14.02 17.86
N ASP A 22 9.95 -14.86 18.86
CA ASP A 22 10.40 -16.25 18.87
C ASP A 22 9.19 -17.15 18.96
N ALA A 23 9.41 -18.47 19.04
CA ALA A 23 8.36 -19.46 18.85
C ALA A 23 7.38 -19.45 20.01
N ASP A 24 7.85 -19.08 21.20
CA ASP A 24 7.04 -19.04 22.40
C ASP A 24 6.24 -17.74 22.49
N HIS A 25 6.55 -16.76 21.63
CA HIS A 25 5.91 -15.46 21.64
C HIS A 25 5.41 -15.10 20.25
N PRO A 26 4.52 -15.91 19.62
CA PRO A 26 3.97 -15.59 18.30
C PRO A 26 2.94 -14.46 18.35
N TRP A 27 2.93 -13.59 17.32
CA TRP A 27 1.80 -12.71 17.10
C TRP A 27 0.54 -13.54 16.91
N GLN A 28 -0.55 -13.14 17.59
CA GLN A 28 -1.85 -13.73 17.38
C GLN A 28 -2.87 -12.61 17.25
N PRO A 29 -3.97 -12.81 16.47
CA PRO A 29 -5.03 -11.80 16.39
C PRO A 29 -5.81 -11.65 17.69
N LEU A 30 -6.48 -10.50 17.83
CA LEU A 30 -7.34 -10.23 18.97
C LEU A 30 -8.54 -11.17 18.97
N ARG A 31 -8.88 -11.67 20.16
CA ARG A 31 -10.14 -12.37 20.42
C ARG A 31 -11.09 -11.42 21.13
N GLU A 32 -12.37 -11.78 21.23
CA GLU A 32 -13.36 -10.95 21.89
C GLU A 32 -13.01 -10.80 23.36
N GLY A 33 -13.00 -9.56 23.85
CA GLY A 33 -12.66 -9.27 25.24
C GLY A 33 -11.23 -8.78 25.43
N ASP A 34 -10.38 -8.98 24.42
CA ASP A 34 -8.98 -8.59 24.49
C ASP A 34 -8.90 -7.07 24.41
N ILE A 35 -8.07 -6.47 25.27
CA ILE A 35 -7.98 -5.02 25.37
C ILE A 35 -6.62 -4.56 24.85
N ARG A 36 -6.68 -3.50 24.04
CA ARG A 36 -5.51 -2.79 23.55
C ARG A 36 -5.79 -1.31 23.77
N GLY A 37 -4.77 -0.46 23.71
CA GLY A 37 -4.90 0.92 24.16
C GLY A 37 -3.96 1.86 23.40
N PRO A 38 -3.56 2.98 24.03
CA PRO A 38 -2.74 3.99 23.35
C PRO A 38 -1.24 3.73 23.31
N CYS A 39 -0.76 2.69 24.02
CA CYS A 39 0.66 2.36 24.05
C CYS A 39 0.99 1.26 23.04
N PRO A 40 1.76 1.59 21.98
CA PRO A 40 2.17 0.57 21.01
C PRO A 40 3.10 -0.49 21.58
N GLY A 41 3.89 -0.12 22.61
CA GLY A 41 4.79 -1.05 23.25
C GLY A 41 4.05 -2.17 23.98
N LEU A 42 3.13 -1.78 24.87
CA LEU A 42 2.34 -2.74 25.62
C LEU A 42 1.41 -3.52 24.69
N ASN A 43 0.87 -2.86 23.66
CA ASN A 43 0.01 -3.52 22.68
C ASN A 43 0.75 -4.68 22.00
N THR A 44 1.98 -4.39 21.56
CA THR A 44 2.79 -5.40 20.88
C THR A 44 3.13 -6.54 21.85
N LEU A 45 3.45 -6.21 23.11
CA LEU A 45 3.83 -7.23 24.09
C LEU A 45 2.66 -8.18 24.38
N ALA A 46 1.43 -7.64 24.43
CA ALA A 46 0.24 -8.44 24.64
C ALA A 46 -0.06 -9.31 23.42
N SER A 47 0.12 -8.75 22.23
CA SER A 47 -0.22 -9.46 21.01
C SER A 47 0.84 -10.53 20.67
N HIS A 48 1.97 -10.53 21.39
CA HIS A 48 2.97 -11.58 21.29
C HIS A 48 3.03 -12.46 22.53
N GLY A 49 2.21 -12.18 23.56
CA GLY A 49 2.17 -13.04 24.73
C GLY A 49 3.29 -12.78 25.76
N TYR A 50 4.04 -11.67 25.63
CA TYR A 50 4.89 -11.21 26.72
C TYR A 50 4.02 -10.75 27.90
N LEU A 51 2.88 -10.11 27.59
CA LEU A 51 1.83 -9.83 28.54
C LEU A 51 0.69 -10.79 28.29
N PRO A 52 -0.24 -10.96 29.25
CA PRO A 52 -1.50 -11.66 28.98
C PRO A 52 -2.19 -11.07 27.75
N ARG A 53 -2.71 -11.94 26.88
CA ARG A 53 -3.15 -11.54 25.56
C ARG A 53 -4.46 -10.74 25.64
N ASP A 54 -5.13 -10.79 26.78
CA ASP A 54 -6.34 -10.02 27.01
C ASP A 54 -6.05 -8.58 27.41
N GLY A 55 -4.78 -8.23 27.65
CA GLY A 55 -4.39 -6.84 27.83
C GLY A 55 -4.63 -6.34 29.25
N VAL A 56 -4.75 -7.26 30.20
CA VAL A 56 -4.89 -6.96 31.61
C VAL A 56 -3.80 -7.71 32.35
N ALA A 57 -3.00 -6.99 33.15
CA ALA A 57 -1.80 -7.55 33.78
C ALA A 57 -1.53 -6.91 35.15
N THR A 58 -0.66 -7.53 35.94
CA THR A 58 -0.19 -6.94 37.18
C THR A 58 0.93 -5.97 36.84
N PRO A 59 1.25 -4.98 37.72
CA PRO A 59 2.44 -4.15 37.54
C PRO A 59 3.72 -4.96 37.35
N ALA A 60 3.89 -6.03 38.13
CA ALA A 60 5.07 -6.88 38.04
C ALA A 60 5.17 -7.52 36.66
N GLN A 61 4.05 -7.98 36.09
CA GLN A 61 4.03 -8.56 34.75
C GLN A 61 4.43 -7.55 33.68
N ILE A 62 4.00 -6.29 33.86
CA ILE A 62 4.28 -5.23 32.90
C ILE A 62 5.77 -4.89 32.90
N ILE A 63 6.37 -4.83 34.09
CA ILE A 63 7.78 -4.52 34.19
C ILE A 63 8.60 -5.63 33.56
N THR A 64 8.30 -6.89 33.87
CA THR A 64 9.06 -8.01 33.32
CA THR A 64 9.06 -8.01 33.32
C THR A 64 8.95 -8.00 31.79
N ALA A 65 7.73 -7.78 31.26
CA ALA A 65 7.46 -7.82 29.82
C ALA A 65 8.20 -6.72 29.07
N THR A 66 8.18 -5.49 29.59
CA THR A 66 8.87 -4.38 28.94
C THR A 66 10.38 -4.62 28.92
N GLN A 67 10.91 -5.28 29.96
CA GLN A 67 12.33 -5.61 30.03
C GLN A 67 12.67 -6.75 29.09
N GLU A 68 11.91 -7.85 29.14
CA GLU A 68 12.16 -9.03 28.34
C GLU A 68 12.02 -8.71 26.85
N GLY A 69 10.93 -8.02 26.50
CA GLY A 69 10.55 -7.81 25.11
C GLY A 69 11.35 -6.70 24.43
N PHE A 70 11.68 -5.62 25.17
CA PHE A 70 12.25 -4.42 24.57
C PHE A 70 13.53 -3.93 25.25
N ASN A 71 13.94 -4.55 26.36
CA ASN A 71 15.06 -4.07 27.18
C ASN A 71 14.78 -2.66 27.72
N PHE A 72 13.52 -2.35 28.04
CA PHE A 72 13.19 -1.10 28.72
C PHE A 72 13.92 -1.08 30.06
N GLU A 73 14.58 0.03 30.38
CA GLU A 73 15.37 0.12 31.60
C GLU A 73 14.47 0.02 32.83
N ASN A 74 14.98 -0.67 33.86
CA ASN A 74 14.22 -1.03 35.06
C ASN A 74 13.55 0.17 35.72
N ASN A 75 14.31 1.26 35.97
CA ASN A 75 13.75 2.40 36.68
C ASN A 75 12.67 3.08 35.84
N ALA A 76 12.91 3.19 34.54
CA ALA A 76 11.92 3.75 33.62
C ALA A 76 10.63 2.92 33.65
N ALA A 77 10.78 1.59 33.69
CA ALA A 77 9.64 0.69 33.77
C ALA A 77 8.85 0.91 35.07
N ILE A 78 9.56 1.08 36.19
CA ILE A 78 8.93 1.30 37.49
C ILE A 78 8.18 2.63 37.48
N VAL A 79 8.79 3.68 36.92
CA VAL A 79 8.18 5.00 36.97
C VAL A 79 6.88 5.02 36.16
N ALA A 80 6.92 4.43 34.95
CA ALA A 80 5.78 4.43 34.06
C ALA A 80 4.70 3.48 34.59
N THR A 81 5.11 2.30 35.09
CA THR A 81 4.12 1.29 35.43
C THR A 81 3.26 1.72 36.63
N TYR A 82 3.90 2.21 37.70
CA TYR A 82 3.17 2.50 38.93
C TYR A 82 2.40 3.82 38.80
N LEU A 83 2.89 4.74 37.95
CA LEU A 83 2.12 5.90 37.55
C LEU A 83 0.79 5.45 36.93
N GLY A 84 0.89 4.57 35.93
CA GLY A 84 -0.28 4.07 35.24
C GLY A 84 -1.21 3.32 36.21
N HIS A 85 -0.63 2.56 37.13
CA HIS A 85 -1.42 1.74 38.05
C HIS A 85 -2.10 2.61 39.11
N LEU A 86 -1.37 3.54 39.72
CA LEU A 86 -1.93 4.40 40.77
C LEU A 86 -3.16 5.13 40.24
N LEU A 87 -3.05 5.69 39.03
CA LEU A 87 -4.09 6.50 38.44
C LEU A 87 -5.20 5.68 37.80
N ASN A 88 -4.86 4.54 37.17
CA ASN A 88 -5.77 3.90 36.24
C ASN A 88 -6.03 2.43 36.57
N GLY A 89 -5.36 1.89 37.59
CA GLY A 89 -5.46 0.46 37.87
C GLY A 89 -6.32 0.16 39.09
N ASN A 90 -6.59 -1.13 39.32
CA ASN A 90 -7.28 -1.61 40.50
C ASN A 90 -6.25 -2.06 41.53
N LEU A 91 -6.14 -1.31 42.63
CA LEU A 91 -5.08 -1.49 43.61
C LEU A 91 -5.36 -2.69 44.50
N VAL A 92 -6.63 -3.09 44.61
CA VAL A 92 -7.03 -4.21 45.46
C VAL A 92 -6.70 -5.52 44.76
N THR A 93 -7.04 -5.64 43.46
CA THR A 93 -6.78 -6.84 42.70
C THR A 93 -5.38 -6.83 42.07
N ASP A 94 -4.73 -5.66 42.02
CA ASP A 94 -3.40 -5.51 41.48
C ASP A 94 -3.40 -5.75 39.96
N LEU A 95 -4.46 -5.28 39.28
CA LEU A 95 -4.63 -5.45 37.85
C LEU A 95 -4.82 -4.10 37.16
N LEU A 96 -4.13 -3.93 36.03
CA LEU A 96 -4.22 -2.76 35.17
C LEU A 96 -4.56 -3.17 33.75
N SER A 97 -5.58 -2.52 33.17
CA SER A 97 -5.93 -2.61 31.76
C SER A 97 -5.05 -1.67 30.94
N ILE A 98 -4.50 -2.16 29.83
CA ILE A 98 -3.64 -1.35 28.98
C ILE A 98 -4.50 -0.50 28.04
N GLY A 99 -5.83 -0.68 28.11
CA GLY A 99 -6.76 0.09 27.32
C GLY A 99 -7.89 0.67 28.17
N GLY A 100 -9.13 0.32 27.81
CA GLY A 100 -10.31 0.87 28.45
C GLY A 100 -10.82 0.00 29.59
N ALA A 101 -12.00 0.35 30.12
CA ALA A 101 -12.58 -0.30 31.29
C ALA A 101 -13.00 -1.72 30.95
N THR A 102 -12.89 -2.60 31.94
CA THR A 102 -13.20 -4.01 31.74
C THR A 102 -13.49 -4.64 33.08
N PRO A 103 -14.47 -5.57 33.16
CA PRO A 103 -14.66 -6.39 34.38
C PRO A 103 -13.47 -7.26 34.76
N LYS A 104 -12.57 -7.53 33.79
CA LYS A 104 -11.38 -8.33 34.02
C LYS A 104 -10.47 -7.75 35.10
N THR A 105 -10.53 -6.44 35.40
CA THR A 105 -9.74 -5.88 36.48
C THR A 105 -10.42 -6.11 37.82
N GLY A 106 -11.66 -6.62 37.79
CA GLY A 106 -12.35 -7.03 39.00
C GLY A 106 -13.32 -5.98 39.53
N PRO A 107 -13.93 -6.21 40.71
CA PRO A 107 -14.90 -5.27 41.29
C PRO A 107 -14.37 -3.84 41.32
N PRO A 108 -15.16 -2.85 40.86
CA PRO A 108 -14.69 -1.47 40.76
C PRO A 108 -14.31 -0.85 42.11
N PRO A 109 -13.33 0.09 42.12
CA PRO A 109 -13.02 0.82 43.35
C PRO A 109 -14.11 1.84 43.66
N PRO A 110 -14.13 2.41 44.88
CA PRO A 110 -15.12 3.44 45.21
C PRO A 110 -14.83 4.74 44.46
N PRO A 111 -15.85 5.38 43.84
CA PRO A 111 -15.64 6.66 43.16
C PRO A 111 -15.12 7.69 44.15
N PRO A 112 -14.29 8.69 43.75
CA PRO A 112 -13.98 8.98 42.34
C PRO A 112 -12.96 8.12 41.56
N ALA A 113 -12.33 7.14 42.21
CA ALA A 113 -11.44 6.22 41.53
C ALA A 113 -12.24 5.40 40.53
N HIS A 114 -11.58 4.85 39.50
CA HIS A 114 -12.29 4.25 38.38
C HIS A 114 -11.66 2.95 37.88
N ALA A 115 -10.33 2.79 38.02
CA ALA A 115 -9.61 1.68 37.42
C ALA A 115 -10.01 1.49 35.96
N GLY A 116 -9.96 2.59 35.20
CA GLY A 116 -10.53 2.67 33.86
C GLY A 116 -9.51 2.37 32.76
N GLY A 117 -8.25 2.16 33.12
CA GLY A 117 -7.21 1.72 32.18
C GLY A 117 -6.42 2.89 31.60
N LEU A 118 -5.44 2.57 30.75
CA LEU A 118 -4.52 3.56 30.21
C LEU A 118 -5.22 4.52 29.24
N ASN A 119 -6.44 4.17 28.79
CA ASN A 119 -7.24 5.01 27.92
C ASN A 119 -7.76 6.27 28.62
N VAL A 120 -7.82 6.31 29.94
CA VAL A 120 -8.38 7.46 30.64
C VAL A 120 -7.54 8.71 30.33
N HIS A 121 -8.22 9.73 29.77
CA HIS A 121 -7.58 10.99 29.38
C HIS A 121 -7.51 11.92 30.58
N GLY A 122 -6.45 12.73 30.66
CA GLY A 122 -6.49 13.88 31.55
C GLY A 122 -5.25 13.97 32.44
N THR A 123 -4.74 12.84 32.91
CA THR A 123 -3.65 12.88 33.88
C THR A 123 -2.42 12.11 33.38
N PHE A 124 -2.61 10.92 32.77
CA PHE A 124 -1.52 10.23 32.09
C PHE A 124 -1.61 10.43 30.56
N GLU A 125 -2.49 9.67 29.89
CA GLU A 125 -2.74 9.86 28.48
C GLU A 125 -3.10 11.31 28.18
N GLY A 126 -2.49 11.88 27.13
CA GLY A 126 -2.79 13.24 26.70
C GLY A 126 -2.52 13.47 25.21
N ASP A 127 -2.29 14.74 24.88
CA ASP A 127 -2.47 15.30 23.55
C ASP A 127 -1.15 15.40 22.79
N ALA A 128 -1.26 15.63 21.47
CA ALA A 128 -0.11 15.82 20.58
C ALA A 128 0.74 14.55 20.48
N GLY A 129 0.08 13.39 20.41
CA GLY A 129 0.77 12.13 20.16
C GLY A 129 1.15 11.98 18.68
N MET A 130 1.92 10.94 18.37
CA MET A 130 2.44 10.71 17.03
C MET A 130 1.44 9.96 16.15
N THR A 131 0.80 8.89 16.67
CA THR A 131 -0.11 8.07 15.87
C THR A 131 -1.51 8.00 16.45
N ARG A 132 -1.75 8.71 17.56
CA ARG A 132 -3.07 8.79 18.17
C ARG A 132 -3.53 10.25 18.20
N ALA A 133 -4.83 10.46 17.98
CA ALA A 133 -5.47 11.77 17.96
C ALA A 133 -5.85 12.19 19.39
N ASP A 134 -5.88 13.50 19.63
CA ASP A 134 -6.31 14.09 20.90
C ASP A 134 -7.72 13.63 21.24
N GLU A 135 -8.01 13.47 22.54
CA GLU A 135 -9.30 12.99 23.01
C GLU A 135 -10.44 13.89 22.55
N PHE A 136 -10.17 15.20 22.42
CA PHE A 136 -11.17 16.17 21.97
C PHE A 136 -11.84 15.69 20.69
N PHE A 137 -11.11 14.99 19.81
CA PHE A 137 -11.63 14.61 18.52
C PHE A 137 -12.37 13.27 18.58
N GLY A 138 -12.39 12.59 19.74
CA GLY A 138 -13.33 11.49 19.93
C GLY A 138 -12.70 10.11 20.13
N ASP A 139 -11.40 9.94 19.87
CA ASP A 139 -10.74 8.64 20.04
C ASP A 139 -9.25 8.84 20.33
N ASN A 140 -8.84 8.56 21.57
CA ASN A 140 -7.49 8.87 22.03
C ASN A 140 -6.59 7.63 22.01
N HIS A 141 -7.10 6.49 21.53
CA HIS A 141 -6.42 5.21 21.70
C HIS A 141 -6.14 4.51 20.38
N SER A 142 -7.03 4.64 19.38
CA SER A 142 -6.88 3.96 18.10
C SER A 142 -5.76 4.56 17.26
N PHE A 143 -5.05 3.70 16.52
CA PHE A 143 -4.15 4.12 15.47
C PHE A 143 -4.89 4.97 14.44
N ASN A 144 -4.27 6.08 14.02
CA ASN A 144 -4.83 7.06 13.11
C ASN A 144 -3.92 7.22 11.89
N GLN A 145 -4.43 6.83 10.71
CA GLN A 145 -3.62 6.76 9.48
C GLN A 145 -3.17 8.14 9.04
N THR A 146 -4.03 9.16 9.21
CA THR A 146 -3.70 10.53 8.83
C THR A 146 -2.44 10.97 9.57
N LEU A 147 -2.37 10.68 10.88
CA LEU A 147 -1.20 11.05 11.68
C LEU A 147 0.02 10.23 11.29
N PHE A 148 -0.18 8.95 10.95
CA PHE A 148 0.94 8.14 10.50
C PHE A 148 1.49 8.66 9.17
N ASP A 149 0.63 9.23 8.33
CA ASP A 149 1.06 9.80 7.06
C ASP A 149 1.98 11.00 7.31
N LYS A 150 1.67 11.81 8.33
CA LYS A 150 2.52 12.92 8.75
C LYS A 150 3.86 12.40 9.29
N PHE A 151 3.80 11.30 10.04
CA PHE A 151 5.00 10.59 10.50
C PHE A 151 5.89 10.25 9.32
N VAL A 152 5.29 9.68 8.26
CA VAL A 152 6.02 9.27 7.08
C VAL A 152 6.58 10.51 6.37
N ASP A 153 5.75 11.56 6.25
CA ASP A 153 6.14 12.77 5.55
C ASP A 153 7.39 13.38 6.21
N PHE A 154 7.35 13.52 7.54
CA PHE A 154 8.44 14.15 8.27
C PHE A 154 9.69 13.28 8.21
N SER A 155 9.51 11.96 8.20
CA SER A 155 10.62 11.05 8.01
C SER A 155 11.24 11.23 6.62
N ASN A 156 10.39 11.46 5.60
CA ASN A 156 10.86 11.70 4.24
C ASN A 156 11.63 13.02 4.20
N ARG A 157 11.13 14.04 4.91
CA ARG A 157 11.67 15.38 4.82
C ARG A 157 12.95 15.57 5.62
N TYR A 158 13.13 14.82 6.73
CA TYR A 158 14.21 15.12 7.66
C TYR A 158 15.10 13.90 7.94
N GLY A 159 14.68 12.71 7.50
CA GLY A 159 15.39 11.49 7.88
C GLY A 159 15.68 10.56 6.71
N GLY A 160 15.68 11.09 5.48
CA GLY A 160 15.99 10.29 4.31
C GLY A 160 15.02 9.12 4.12
N GLY A 161 13.80 9.23 4.67
CA GLY A 161 12.79 8.18 4.57
C GLY A 161 12.70 7.33 5.84
N PHE A 162 13.53 7.65 6.84
CA PHE A 162 13.61 6.91 8.10
C PHE A 162 13.35 7.84 9.28
N TYR A 163 12.86 7.28 10.39
CA TYR A 163 12.67 8.07 11.61
C TYR A 163 13.96 8.07 12.43
N ASN A 164 14.52 9.27 12.66
CA ASN A 164 15.72 9.48 13.47
C ASN A 164 15.48 10.69 14.38
N LEU A 165 16.51 11.09 15.14
CA LEU A 165 16.37 12.14 16.15
C LEU A 165 15.97 13.48 15.53
N THR A 166 16.51 13.80 14.35
CA THR A 166 16.16 15.03 13.66
C THR A 166 14.66 15.03 13.38
N VAL A 167 14.13 13.90 12.89
CA VAL A 167 12.71 13.79 12.58
C VAL A 167 11.90 13.98 13.88
N ALA A 168 12.35 13.32 14.95
CA ALA A 168 11.67 13.39 16.24
C ALA A 168 11.53 14.85 16.69
N GLY A 169 12.61 15.61 16.59
CA GLY A 169 12.62 17.01 16.99
C GLY A 169 11.57 17.82 16.23
N GLU A 170 11.52 17.62 14.91
CA GLU A 170 10.62 18.38 14.04
C GLU A 170 9.18 17.93 14.24
N LEU A 171 8.95 16.61 14.28
CA LEU A 171 7.59 16.08 14.40
C LEU A 171 6.94 16.51 15.72
N ARG A 172 7.70 16.43 16.82
CA ARG A 172 7.17 16.79 18.14
C ARG A 172 6.59 18.21 18.12
N TYR A 173 7.35 19.17 17.57
CA TYR A 173 6.94 20.56 17.56
C TYR A 173 5.71 20.73 16.66
N SER A 174 5.73 20.13 15.47
CA SER A 174 4.64 20.29 14.51
C SER A 174 3.33 19.77 15.10
N ARG A 175 3.38 18.63 15.82
CA ARG A 175 2.20 18.03 16.42
C ARG A 175 1.62 18.95 17.50
N ILE A 176 2.51 19.59 18.27
CA ILE A 176 2.09 20.59 19.24
C ILE A 176 1.33 21.71 18.53
N GLN A 177 1.89 22.21 17.43
CA GLN A 177 1.23 23.26 16.65
C GLN A 177 -0.14 22.80 16.13
N ASP A 178 -0.22 21.58 15.60
CA ASP A 178 -1.50 21.03 15.13
C ASP A 178 -2.56 21.16 16.22
N SER A 179 -2.22 20.78 17.46
CA SER A 179 -3.17 20.79 18.55
C SER A 179 -3.52 22.22 18.98
N ILE A 180 -2.54 23.13 19.00
CA ILE A 180 -2.81 24.52 19.34
C ILE A 180 -3.87 25.06 18.38
N ALA A 181 -3.70 24.77 17.08
CA ALA A 181 -4.53 25.32 16.02
C ALA A 181 -5.92 24.68 15.98
N THR A 182 -6.08 23.44 16.46
CA THR A 182 -7.29 22.67 16.17
C THR A 182 -8.05 22.22 17.43
N ASN A 183 -7.39 22.17 18.60
CA ASN A 183 -8.01 21.61 19.79
C ASN A 183 -8.15 22.70 20.85
N PRO A 184 -9.36 23.21 21.12
CA PRO A 184 -9.56 24.29 22.09
C PRO A 184 -9.36 23.86 23.54
N GLU A 185 -9.37 22.53 23.78
CA GLU A 185 -9.16 21.95 25.09
C GLU A 185 -7.73 21.42 25.24
N PHE A 186 -6.82 21.75 24.32
CA PHE A 186 -5.45 21.26 24.31
C PHE A 186 -4.72 21.60 25.61
N GLN A 187 -4.20 20.54 26.26
CA GLN A 187 -3.37 20.66 27.44
C GLN A 187 -2.03 19.96 27.17
N PHE A 188 -0.94 20.58 27.62
CA PHE A 188 0.40 20.04 27.47
C PHE A 188 1.23 20.39 28.71
N LYS A 189 0.85 19.81 29.85
CA LYS A 189 1.47 20.14 31.13
C LYS A 189 1.61 18.90 32.01
N ASN A 190 2.38 19.05 33.09
CA ASN A 190 2.58 18.05 34.11
C ASN A 190 3.03 16.73 33.47
N VAL A 191 2.29 15.65 33.69
CA VAL A 191 2.71 14.34 33.24
C VAL A 191 2.92 14.34 31.73
N ARG A 192 1.97 14.91 30.99
CA ARG A 192 2.00 14.82 29.54
C ARG A 192 3.23 15.53 28.98
N PHE A 193 3.57 16.70 29.55
CA PHE A 193 4.73 17.45 29.08
C PHE A 193 5.99 16.57 29.16
N ILE A 194 6.14 15.81 30.26
CA ILE A 194 7.36 15.04 30.47
C ILE A 194 7.34 13.78 29.59
N THR A 195 6.25 13.01 29.64
CA THR A 195 6.18 11.71 28.98
C THR A 195 6.22 11.88 27.45
N ALA A 196 5.73 13.02 26.94
CA ALA A 196 5.63 13.23 25.50
C ALA A 196 7.01 13.28 24.84
N TYR A 197 8.03 13.82 25.52
CA TYR A 197 9.35 13.93 24.92
C TYR A 197 9.99 12.53 24.89
N GLY A 198 9.79 11.75 25.94
CA GLY A 198 10.29 10.38 26.00
C GLY A 198 9.69 9.48 24.92
N GLU A 199 8.39 9.63 24.67
CA GLU A 199 7.69 8.80 23.72
CA GLU A 199 7.67 8.81 23.71
C GLU A 199 8.27 8.99 22.31
N THR A 200 8.75 10.22 22.00
CA THR A 200 9.21 10.51 20.65
C THR A 200 10.54 9.84 20.35
N VAL A 201 11.30 9.43 21.38
CA VAL A 201 12.60 8.77 21.16
C VAL A 201 12.51 7.25 21.36
N PHE A 202 11.46 6.75 22.03
CA PHE A 202 11.29 5.32 22.20
C PHE A 202 11.37 4.60 20.86
N PRO A 203 10.77 5.09 19.75
CA PRO A 203 10.88 4.39 18.46
C PRO A 203 12.31 4.16 18.01
N ILE A 204 13.20 5.11 18.35
CA ILE A 204 14.61 5.05 17.97
C ILE A 204 15.35 4.07 18.90
N ASN A 205 15.14 4.24 20.21
CA ASN A 205 15.93 3.51 21.19
C ASN A 205 15.42 2.09 21.38
N LEU A 206 14.13 1.84 21.13
CA LEU A 206 13.54 0.54 21.46
C LEU A 206 12.92 -0.19 20.25
N PHE A 207 12.50 0.52 19.20
CA PHE A 207 11.79 -0.12 18.08
C PHE A 207 12.77 -0.51 16.98
N VAL A 208 13.96 0.12 16.99
CA VAL A 208 15.03 -0.22 16.08
C VAL A 208 15.78 -1.44 16.62
N ASP A 209 15.98 -2.42 15.75
CA ASP A 209 16.63 -3.68 16.06
C ASP A 209 17.97 -3.42 16.76
N GLY A 210 18.26 -4.22 17.78
CA GLY A 210 19.40 -4.02 18.66
C GLY A 210 20.75 -4.38 18.03
N ARG A 211 20.73 -5.17 16.94
CA ARG A 211 21.94 -5.47 16.18
C ARG A 211 22.41 -4.25 15.40
N VAL A 212 21.54 -3.25 15.21
CA VAL A 212 21.93 -2.00 14.57
C VAL A 212 22.58 -1.10 15.62
N THR A 213 23.86 -0.73 15.44
CA THR A 213 24.57 0.05 16.45
C THR A 213 25.02 1.42 15.93
N THR A 214 25.12 1.62 14.61
CA THR A 214 25.45 2.93 14.06
C THR A 214 24.23 3.45 13.31
N ASP A 215 23.99 4.77 13.34
CA ASP A 215 22.96 5.42 12.54
C ASP A 215 21.60 4.76 12.78
N ARG A 216 21.21 4.68 14.05
CA ARG A 216 19.98 3.98 14.42
C ARG A 216 18.79 4.81 13.90
N LYS A 217 17.93 4.16 13.11
CA LYS A 217 16.82 4.81 12.45
C LYS A 217 15.75 3.75 12.17
N LEU A 218 14.48 4.16 12.19
CA LEU A 218 13.38 3.23 12.05
C LEU A 218 12.77 3.34 10.65
N SER A 219 12.66 2.21 9.95
CA SER A 219 11.95 2.14 8.67
C SER A 219 10.46 2.33 8.91
N MET A 220 9.74 2.83 7.89
CA MET A 220 8.29 3.02 7.98
C MET A 220 7.56 1.69 8.07
N GLU A 221 8.15 0.62 7.49
CA GLU A 221 7.56 -0.71 7.52
C GLU A 221 7.52 -1.21 8.97
N ASP A 222 8.65 -1.06 9.68
CA ASP A 222 8.79 -1.47 11.07
C ASP A 222 7.89 -0.60 11.95
N ALA A 223 7.88 0.71 11.72
CA ALA A 223 6.96 1.60 12.42
C ALA A 223 5.51 1.17 12.24
N ALA A 224 5.09 0.84 11.01
CA ALA A 224 3.70 0.48 10.78
C ALA A 224 3.38 -0.81 11.52
N SER A 225 4.32 -1.75 11.49
CA SER A 225 4.13 -3.05 12.09
C SER A 225 3.83 -2.92 13.58
N ILE A 226 4.56 -2.04 14.29
CA ILE A 226 4.39 -1.91 15.73
C ILE A 226 3.21 -0.99 16.04
N PHE A 227 3.23 0.22 15.47
CA PHE A 227 2.24 1.25 15.77
C PHE A 227 0.83 0.87 15.33
N ARG A 228 0.69 0.14 14.21
CA ARG A 228 -0.64 -0.20 13.69
C ARG A 228 -0.99 -1.67 13.97
N ASP A 229 -0.10 -2.63 13.69
CA ASP A 229 -0.47 -4.04 13.76
C ASP A 229 -0.10 -4.70 15.10
N MET A 230 0.62 -3.99 15.97
CA MET A 230 1.01 -4.52 17.28
C MET A 230 1.90 -5.76 17.12
N ARG A 231 2.79 -5.71 16.13
CA ARG A 231 3.59 -6.85 15.71
C ARG A 231 5.07 -6.44 15.68
N PHE A 232 5.92 -7.24 16.32
CA PHE A 232 7.36 -7.12 16.15
C PHE A 232 7.71 -7.36 14.69
N PRO A 233 8.69 -6.62 14.13
CA PRO A 233 9.31 -7.00 12.86
C PRO A 233 9.80 -8.44 12.88
N ASP A 234 9.84 -9.07 11.70
CA ASP A 234 10.40 -10.41 11.56
C ASP A 234 11.80 -10.42 12.16
N ASP A 235 12.11 -11.46 12.94
CA ASP A 235 13.45 -11.68 13.46
C ASP A 235 13.89 -10.53 14.39
N PHE A 236 12.94 -9.89 15.07
CA PHE A 236 13.25 -8.69 15.83
C PHE A 236 14.12 -9.02 17.04
N HIS A 237 15.21 -8.26 17.15
CA HIS A 237 16.14 -8.36 18.26
C HIS A 237 16.06 -7.06 19.06
N ARG A 238 15.82 -7.16 20.36
CA ARG A 238 15.72 -6.00 21.23
C ARG A 238 17.05 -5.27 21.35
N SER A 239 16.98 -4.03 21.84
CA SER A 239 18.14 -3.21 22.19
C SER A 239 19.19 -4.04 22.93
N ALA A 240 20.47 -3.81 22.60
CA ALA A 240 21.57 -4.57 23.20
C ALA A 240 21.89 -4.05 24.59
N VAL A 241 21.31 -2.90 24.97
CA VAL A 241 21.44 -2.29 26.29
C VAL A 241 20.06 -1.94 26.83
N PRO A 242 19.84 -1.95 28.16
CA PRO A 242 18.63 -1.35 28.75
C PRO A 242 18.52 0.11 28.31
N ALA A 243 17.33 0.55 27.88
CA ALA A 243 17.19 1.88 27.33
C ALA A 243 15.81 2.47 27.63
N SER A 244 15.70 3.80 27.49
CA SER A 244 14.53 4.57 27.89
C SER A 244 14.49 5.83 27.02
N ASN A 245 14.75 7.02 27.60
CA ASN A 245 14.44 8.28 26.94
C ASN A 245 15.69 9.01 26.44
N GLU A 246 16.76 8.27 26.08
CA GLU A 246 17.98 8.90 25.63
C GLU A 246 17.70 9.73 24.38
N GLY A 247 18.13 11.00 24.40
CA GLY A 247 17.98 11.91 23.28
C GLY A 247 16.79 12.85 23.44
N ALA A 248 15.98 12.66 24.49
CA ALA A 248 14.77 13.45 24.68
C ALA A 248 15.10 14.92 24.92
N ASP A 249 16.26 15.18 25.54
CA ASP A 249 16.74 16.53 25.76
C ASP A 249 17.02 17.23 24.43
N GLN A 250 17.53 16.50 23.43
CA GLN A 250 17.79 17.07 22.11
C GLN A 250 16.48 17.41 21.39
N VAL A 251 15.43 16.63 21.61
CA VAL A 251 14.15 16.88 20.98
C VAL A 251 13.59 18.21 21.48
N LEU A 252 13.68 18.44 22.79
CA LEU A 252 13.25 19.69 23.39
C LEU A 252 14.12 20.85 22.90
N ALA A 253 15.43 20.62 22.78
CA ALA A 253 16.37 21.65 22.39
C ALA A 253 16.09 22.16 20.98
N ALA A 254 15.63 21.27 20.08
CA ALA A 254 15.37 21.62 18.69
C ALA A 254 14.26 22.67 18.57
N HIS A 255 13.24 22.57 19.44
CA HIS A 255 12.17 23.57 19.50
C HIS A 255 11.78 23.80 20.95
N PRO A 256 12.53 24.64 21.70
CA PRO A 256 12.23 24.92 23.11
C PRO A 256 10.76 25.26 23.31
N TRP A 257 10.14 24.63 24.32
CA TRP A 257 8.71 24.76 24.56
C TRP A 257 8.45 24.71 26.06
N VAL A 258 7.36 25.36 26.49
CA VAL A 258 7.04 25.51 27.90
C VAL A 258 5.72 24.80 28.16
N PRO A 259 5.53 24.12 29.32
CA PRO A 259 4.24 23.51 29.64
C PRO A 259 3.13 24.55 29.71
N GLY A 260 1.93 24.14 29.32
CA GLY A 260 0.77 25.01 29.34
C GLY A 260 -0.40 24.37 28.60
N GLY A 261 -1.23 25.20 27.96
CA GLY A 261 -2.38 24.76 27.20
C GLY A 261 -3.16 25.94 26.61
N ASN A 262 -4.09 25.64 25.69
CA ASN A 262 -5.02 26.64 25.18
C ASN A 262 -5.99 27.05 26.30
N ALA A 263 -6.19 28.36 26.48
CA ALA A 263 -7.07 28.87 27.52
C ALA A 263 -8.47 29.16 26.99
N ASP A 264 -9.47 29.01 27.87
CA ASP A 264 -10.84 29.49 27.67
C ASP A 264 -11.48 28.86 26.44
N ASN A 265 -11.40 27.53 26.34
CA ASN A 265 -12.04 26.78 25.27
C ASN A 265 -11.83 27.49 23.93
N GLN A 266 -10.62 27.99 23.67
CA GLN A 266 -10.31 28.71 22.45
C GLN A 266 -9.03 28.17 21.82
N VAL A 267 -9.01 28.07 20.49
CA VAL A 267 -7.83 27.67 19.76
C VAL A 267 -6.86 28.86 19.65
N ASN A 268 -5.62 28.56 19.23
CA ASN A 268 -4.55 29.53 19.07
C ASN A 268 -4.48 30.49 20.26
N ASN A 269 -4.56 29.93 21.46
CA ASN A 269 -4.56 30.73 22.68
C ASN A 269 -3.74 30.00 23.75
N TYR A 270 -2.49 29.65 23.41
CA TYR A 270 -1.65 28.86 24.29
C TYR A 270 -1.06 29.76 25.39
N VAL A 271 -1.29 29.37 26.64
CA VAL A 271 -0.80 30.08 27.81
C VAL A 271 0.14 29.17 28.60
N GLU A 272 1.32 29.71 28.99
CA GLU A 272 2.27 29.00 29.81
CA GLU A 272 2.27 29.01 29.82
C GLU A 272 1.66 28.71 31.18
N ASP A 273 2.04 27.56 31.77
CA ASP A 273 1.71 27.23 33.15
C ASP A 273 3.00 27.22 33.96
N PRO A 274 3.27 28.25 34.81
CA PRO A 274 4.53 28.31 35.54
C PRO A 274 4.64 27.36 36.73
N ASP A 275 3.52 26.73 37.13
CA ASP A 275 3.46 25.81 38.26
C ASP A 275 3.68 24.36 37.80
N SER A 276 3.59 24.11 36.50
CA SER A 276 3.74 22.78 35.94
C SER A 276 5.15 22.26 36.18
N ALA A 277 5.28 20.93 36.26
CA ALA A 277 6.58 20.29 36.16
C ALA A 277 7.19 20.61 34.80
N ASP A 278 8.53 20.64 34.76
CA ASP A 278 9.31 20.69 33.53
C ASP A 278 10.58 19.89 33.80
N PHE A 279 11.59 19.98 32.92
CA PHE A 279 12.71 19.05 32.98
C PHE A 279 13.76 19.50 34.00
N THR A 280 13.65 20.71 34.53
CA THR A 280 14.52 21.17 35.62
C THR A 280 13.74 21.22 36.94
N HIS A 281 12.45 20.87 36.90
CA HIS A 281 11.57 20.88 38.07
C HIS A 281 10.72 19.61 38.08
N LEU A 282 11.38 18.45 38.21
CA LEU A 282 10.77 17.15 38.01
C LEU A 282 10.00 16.68 39.23
N CYS A 283 10.42 17.08 40.43
CA CYS A 283 9.76 16.63 41.66
C CYS A 283 8.34 17.17 41.74
N ARG A 284 8.07 18.28 41.03
CA ARG A 284 6.72 18.80 40.91
C ARG A 284 5.78 17.74 40.34
N LEU A 285 6.30 16.92 39.43
CA LEU A 285 5.51 15.86 38.83
C LEU A 285 5.14 14.84 39.90
N TYR A 286 6.12 14.47 40.73
CA TYR A 286 5.92 13.52 41.82
C TYR A 286 4.75 14.01 42.68
N GLU A 287 4.77 15.28 43.08
CA GLU A 287 3.77 15.83 43.99
C GLU A 287 2.40 15.96 43.33
N PHE A 288 2.36 16.36 42.05
CA PHE A 288 1.11 16.46 41.31
C PHE A 288 0.37 15.12 41.34
N VAL A 289 1.09 14.00 41.16
CA VAL A 289 0.46 12.69 41.06
C VAL A 289 0.02 12.21 42.43
N VAL A 290 0.86 12.44 43.45
CA VAL A 290 0.47 12.07 44.80
C VAL A 290 -0.85 12.76 45.12
N GLY A 291 -0.96 14.04 44.73
CA GLY A 291 -2.17 14.83 44.89
C GLY A 291 -3.35 14.30 44.07
N SER A 292 -3.11 13.89 42.83
CA SER A 292 -4.17 13.34 41.99
C SER A 292 -4.70 12.05 42.62
N VAL A 293 -3.81 11.28 43.22
CA VAL A 293 -4.19 10.03 43.87
C VAL A 293 -5.06 10.33 45.10
N GLN A 294 -4.74 11.41 45.82
CA GLN A 294 -5.53 11.85 46.97
C GLN A 294 -6.95 12.23 46.54
N GLU A 295 -7.10 12.83 45.35
CA GLU A 295 -8.40 13.15 44.81
C GLU A 295 -9.16 11.87 44.45
N LEU A 296 -8.48 10.85 43.90
CA LEU A 296 -9.12 9.60 43.53
C LEU A 296 -9.50 8.81 44.78
N TYR A 297 -8.65 8.89 45.81
CA TYR A 297 -8.76 8.09 47.01
C TYR A 297 -8.77 9.01 48.25
N PRO A 298 -9.87 9.74 48.51
CA PRO A 298 -9.91 10.71 49.61
C PRO A 298 -9.88 10.12 51.03
N ASN A 299 -10.47 8.94 51.25
CA ASN A 299 -10.47 8.35 52.57
C ASN A 299 -10.39 6.84 52.49
N PRO A 300 -9.28 6.24 52.00
CA PRO A 300 -9.17 4.78 51.90
C PRO A 300 -8.99 4.13 53.27
N THR A 301 -9.59 2.95 53.45
CA THR A 301 -9.36 2.14 54.63
C THR A 301 -9.10 0.70 54.17
N GLY A 302 -8.48 -0.08 55.06
CA GLY A 302 -8.35 -1.51 54.91
C GLY A 302 -7.29 -1.92 53.89
N ILE A 303 -7.60 -2.96 53.10
CA ILE A 303 -6.72 -3.52 52.08
C ILE A 303 -6.38 -2.44 51.05
N LEU A 304 -7.38 -1.63 50.71
CA LEU A 304 -7.20 -0.55 49.75
C LEU A 304 -6.13 0.41 50.25
N ARG A 305 -6.23 0.81 51.53
CA ARG A 305 -5.25 1.71 52.13
CA ARG A 305 -5.25 1.71 52.13
C ARG A 305 -3.87 1.07 52.08
N ARG A 306 -3.77 -0.21 52.48
CA ARG A 306 -2.50 -0.92 52.51
C ARG A 306 -1.86 -0.92 51.12
N ASN A 307 -2.64 -1.27 50.08
CA ASN A 307 -2.10 -1.44 48.74
C ASN A 307 -1.70 -0.10 48.14
N LEU A 308 -2.46 0.95 48.46
CA LEU A 308 -2.09 2.31 48.11
C LEU A 308 -0.74 2.69 48.70
N ILE A 309 -0.53 2.41 50.00
CA ILE A 309 0.70 2.77 50.67
C ILE A 309 1.86 2.08 49.97
N LYS A 310 1.72 0.78 49.69
CA LYS A 310 2.77 0.00 49.06
C LYS A 310 3.09 0.52 47.66
N ASN A 311 2.04 0.71 46.83
CA ASN A 311 2.22 1.13 45.44
C ASN A 311 2.83 2.53 45.39
N LEU A 312 2.49 3.40 46.35
CA LEU A 312 3.05 4.75 46.41
C LEU A 312 4.53 4.66 46.71
N HIS A 313 4.92 3.80 47.66
CA HIS A 313 6.32 3.61 47.99
C HIS A 313 7.06 3.02 46.79
N TYR A 314 6.48 2.02 46.15
CA TYR A 314 7.06 1.40 44.96
C TYR A 314 7.35 2.45 43.89
N TRP A 315 6.39 3.35 43.63
CA TRP A 315 6.57 4.40 42.65
C TRP A 315 7.70 5.33 43.05
N TRP A 316 7.77 5.70 44.34
CA TRP A 316 8.81 6.60 44.84
C TRP A 316 10.21 6.01 44.60
N THR A 317 10.37 4.69 44.77
CA THR A 317 11.67 4.07 44.61
C THR A 317 12.21 4.34 43.21
N GLY A 318 11.34 4.29 42.18
CA GLY A 318 11.73 4.61 40.82
C GLY A 318 11.95 6.12 40.62
N VAL A 319 11.01 6.92 41.11
CA VAL A 319 11.03 8.36 40.90
C VAL A 319 12.28 8.95 41.54
N ASN A 320 12.64 8.44 42.73
CA ASN A 320 13.75 8.98 43.50
C ASN A 320 15.03 8.97 42.66
N VAL A 321 15.29 7.85 41.97
CA VAL A 321 16.47 7.69 41.14
C VAL A 321 16.31 8.49 39.86
N ALA A 322 15.12 8.43 39.25
CA ALA A 322 14.90 8.99 37.92
C ALA A 322 14.91 10.52 37.94
N PHE A 323 14.43 11.14 39.02
CA PHE A 323 14.36 12.59 39.11
C PHE A 323 15.54 13.15 39.92
N GLY A 324 16.43 12.28 40.41
CA GLY A 324 17.63 12.71 41.13
C GLY A 324 17.33 13.20 42.56
N GLY A 325 16.39 12.53 43.25
CA GLY A 325 16.08 12.82 44.64
C GLY A 325 14.81 13.66 44.78
N CYS A 326 13.75 13.02 45.32
CA CYS A 326 12.54 13.70 45.73
C CYS A 326 12.19 13.19 47.12
N ASP A 327 11.77 14.08 48.02
CA ASP A 327 11.35 13.68 49.35
C ASP A 327 10.03 12.91 49.24
N GLU A 328 10.01 11.70 49.81
CA GLU A 328 8.83 10.84 49.79
C GLU A 328 7.71 11.48 50.61
N LEU A 329 6.48 11.44 50.07
CA LEU A 329 5.28 11.91 50.74
C LEU A 329 4.51 10.69 51.24
N PHE A 330 3.78 10.88 52.36
CA PHE A 330 3.03 9.82 53.03
C PHE A 330 1.60 10.27 53.27
N PRO A 331 0.78 10.47 52.22
CA PRO A 331 -0.59 10.96 52.39
C PRO A 331 -1.52 10.06 53.20
N TYR A 332 -1.21 8.76 53.29
CA TYR A 332 -2.01 7.82 54.08
C TYR A 332 -1.18 7.26 55.23
N GLY A 333 -0.13 7.99 55.61
CA GLY A 333 0.78 7.54 56.65
C GLY A 333 1.54 6.28 56.24
N GLN A 334 1.78 5.40 57.22
CA GLN A 334 2.59 4.21 57.06
C GLN A 334 1.80 2.98 57.47
N LEU A 335 2.36 1.80 57.20
CA LEU A 335 1.70 0.53 57.46
C LEU A 335 1.61 0.25 58.97
N GLN B 1 -26.63 -6.83 -14.13
CA GLN B 1 -26.86 -8.16 -13.51
C GLN B 1 -25.85 -9.18 -14.04
N GLY B 2 -26.03 -9.57 -15.31
CA GLY B 2 -25.09 -10.45 -15.99
C GLY B 2 -23.90 -9.66 -16.51
N VAL B 3 -22.76 -10.33 -16.62
CA VAL B 3 -21.53 -9.72 -17.07
C VAL B 3 -21.07 -10.51 -18.29
N ASP B 4 -20.37 -9.83 -19.19
CA ASP B 4 -19.69 -10.49 -20.28
C ASP B 4 -18.25 -10.78 -19.85
N PRO B 5 -17.83 -12.06 -19.71
CA PRO B 5 -16.52 -12.40 -19.16
C PRO B 5 -15.36 -12.12 -20.10
N PRO B 6 -14.34 -11.34 -19.66
CA PRO B 6 -13.16 -11.05 -20.46
C PRO B 6 -12.32 -12.30 -20.64
N PRO B 7 -11.51 -12.40 -21.72
CA PRO B 7 -10.57 -13.50 -21.83
C PRO B 7 -9.56 -13.43 -20.69
N PRO B 8 -8.84 -14.54 -20.39
CA PRO B 8 -7.81 -14.52 -19.36
C PRO B 8 -6.70 -13.52 -19.66
N PRO B 9 -6.18 -12.78 -18.66
CA PRO B 9 -4.98 -11.97 -18.82
C PRO B 9 -3.79 -12.84 -19.25
N GLY B 10 -2.87 -12.23 -20.00
CA GLY B 10 -1.61 -12.87 -20.35
C GLY B 10 -0.56 -12.73 -19.25
N PRO B 11 0.68 -13.19 -19.49
CA PRO B 11 1.76 -13.07 -18.50
C PRO B 11 2.03 -11.59 -18.20
N PRO B 12 2.63 -11.24 -17.05
CA PRO B 12 3.05 -9.86 -16.80
C PRO B 12 4.17 -9.41 -17.74
N SER B 13 4.23 -8.09 -18.00
CA SER B 13 5.30 -7.49 -18.77
CA SER B 13 5.30 -7.49 -18.78
C SER B 13 6.65 -7.72 -18.12
N PHE B 14 6.75 -7.38 -16.81
CA PHE B 14 7.95 -7.60 -16.02
C PHE B 14 7.78 -8.90 -15.26
N THR B 15 8.71 -9.84 -15.45
CA THR B 15 8.63 -11.17 -14.83
C THR B 15 9.81 -11.38 -13.88
N GLY B 16 10.53 -10.32 -13.51
CA GLY B 16 11.62 -10.45 -12.54
C GLY B 16 11.13 -10.36 -11.10
N THR B 17 12.07 -10.41 -10.15
CA THR B 17 11.75 -10.22 -8.74
C THR B 17 11.33 -8.78 -8.53
N LYS B 18 10.55 -8.55 -7.47
CA LYS B 18 10.30 -7.21 -6.96
C LYS B 18 9.79 -7.35 -5.53
N LEU B 19 9.81 -6.24 -4.79
CA LEU B 19 9.16 -6.16 -3.49
C LEU B 19 7.65 -6.24 -3.72
N VAL B 20 6.99 -7.20 -3.06
CA VAL B 20 5.54 -7.32 -3.19
C VAL B 20 4.85 -6.89 -1.90
N ASN B 21 5.55 -6.98 -0.76
CA ASN B 21 5.07 -6.44 0.50
C ASN B 21 5.45 -4.97 0.59
N ASP B 22 4.70 -4.12 -0.13
CA ASP B 22 5.07 -2.74 -0.35
C ASP B 22 3.97 -1.85 0.21
N ALA B 23 4.11 -0.53 0.02
CA ALA B 23 3.31 0.45 0.75
C ALA B 23 1.86 0.43 0.27
N ASP B 24 1.67 0.07 -1.01
CA ASP B 24 0.36 0.06 -1.62
C ASP B 24 -0.37 -1.26 -1.33
N HIS B 25 0.33 -2.24 -0.76
CA HIS B 25 -0.23 -3.55 -0.46
C HIS B 25 0.05 -3.94 0.99
N PRO B 26 -0.40 -3.14 1.99
CA PRO B 26 -0.19 -3.48 3.40
C PRO B 26 -1.10 -4.63 3.86
N TRP B 27 -0.58 -5.50 4.73
CA TRP B 27 -1.44 -6.41 5.48
C TRP B 27 -2.44 -5.60 6.29
N GLN B 28 -3.72 -6.02 6.26
CA GLN B 28 -4.76 -5.47 7.10
C GLN B 28 -5.56 -6.62 7.71
N PRO B 29 -6.11 -6.47 8.94
CA PRO B 29 -6.95 -7.50 9.54
C PRO B 29 -8.28 -7.68 8.81
N LEU B 30 -8.93 -8.82 9.03
CA LEU B 30 -10.25 -9.07 8.50
C LEU B 30 -11.27 -8.11 9.12
N ARG B 31 -12.17 -7.58 8.28
CA ARG B 31 -13.37 -6.88 8.70
C ARG B 31 -14.55 -7.85 8.59
N GLU B 32 -15.71 -7.47 9.15
CA GLU B 32 -16.91 -8.27 9.05
C GLU B 32 -17.30 -8.42 7.57
N GLY B 33 -17.56 -9.67 7.15
CA GLY B 33 -17.95 -9.96 5.79
C GLY B 33 -16.82 -10.54 4.95
N ASP B 34 -15.57 -10.33 5.39
CA ASP B 34 -14.40 -10.69 4.60
C ASP B 34 -14.25 -12.20 4.59
N ILE B 35 -13.99 -12.78 3.42
CA ILE B 35 -13.94 -14.23 3.27
C ILE B 35 -12.50 -14.68 3.02
N ARG B 36 -12.10 -15.72 3.73
CA ARG B 36 -10.85 -16.44 3.53
C ARG B 36 -11.20 -17.92 3.49
N GLY B 37 -10.27 -18.76 3.03
CA GLY B 37 -10.61 -20.14 2.72
C GLY B 37 -9.39 -21.04 2.81
N PRO B 38 -9.33 -22.14 2.03
CA PRO B 38 -8.29 -23.15 2.17
C PRO B 38 -6.95 -22.84 1.50
N CYS B 39 -6.91 -21.78 0.67
CA CYS B 39 -5.72 -21.44 -0.08
C CYS B 39 -4.94 -20.34 0.63
N PRO B 40 -3.72 -20.65 1.15
CA PRO B 40 -2.88 -19.62 1.76
C PRO B 40 -2.38 -18.56 0.78
N GLY B 41 -2.24 -18.93 -0.49
CA GLY B 41 -1.84 -18.00 -1.54
C GLY B 41 -2.87 -16.88 -1.73
N LEU B 42 -4.09 -17.28 -2.03
CA LEU B 42 -5.18 -16.33 -2.24
C LEU B 42 -5.50 -15.56 -0.96
N ASN B 43 -5.41 -16.24 0.20
CA ASN B 43 -5.66 -15.61 1.48
C ASN B 43 -4.68 -14.45 1.71
N THR B 44 -3.40 -14.71 1.46
CA THR B 44 -2.37 -13.68 1.63
C THR B 44 -2.60 -12.54 0.64
N LEU B 45 -2.96 -12.85 -0.62
CA LEU B 45 -3.17 -11.83 -1.63
C LEU B 45 -4.34 -10.91 -1.27
N ALA B 46 -5.40 -11.47 -0.70
CA ALA B 46 -6.54 -10.68 -0.26
C ALA B 46 -6.19 -9.82 0.95
N SER B 47 -5.41 -10.38 1.87
CA SER B 47 -5.09 -9.69 3.12
C SER B 47 -4.04 -8.60 2.87
N HIS B 48 -3.43 -8.58 1.68
CA HIS B 48 -2.54 -7.50 1.28
C HIS B 48 -3.14 -6.62 0.18
N GLY B 49 -4.35 -6.90 -0.27
CA GLY B 49 -5.02 -6.05 -1.26
C GLY B 49 -4.58 -6.29 -2.70
N TYR B 50 -3.85 -7.38 -2.99
CA TYR B 50 -3.66 -7.81 -4.37
C TYR B 50 -4.99 -8.26 -4.95
N LEU B 51 -5.82 -8.92 -4.14
CA LEU B 51 -7.20 -9.22 -4.43
C LEU B 51 -8.07 -8.28 -3.61
N PRO B 52 -9.38 -8.13 -3.94
CA PRO B 52 -10.32 -7.48 -3.05
C PRO B 52 -10.26 -8.08 -1.64
N ARG B 53 -10.27 -7.21 -0.63
CA ARG B 53 -9.98 -7.63 0.73
C ARG B 53 -11.13 -8.45 1.32
N ASP B 54 -12.30 -8.42 0.67
CA ASP B 54 -13.44 -9.21 1.10
C ASP B 54 -13.38 -10.64 0.58
N GLY B 55 -12.41 -10.95 -0.28
CA GLY B 55 -12.15 -12.34 -0.67
C GLY B 55 -13.10 -12.84 -1.75
N VAL B 56 -13.70 -11.90 -2.50
CA VAL B 56 -14.54 -12.19 -3.65
C VAL B 56 -13.98 -11.42 -4.84
N ALA B 57 -13.69 -12.12 -5.94
CA ALA B 57 -12.99 -11.55 -7.08
C ALA B 57 -13.45 -12.18 -8.39
N THR B 58 -13.11 -11.52 -9.50
CA THR B 58 -13.31 -12.10 -10.83
C THR B 58 -12.15 -13.05 -11.11
N PRO B 59 -12.31 -14.00 -12.04
CA PRO B 59 -11.17 -14.80 -12.51
C PRO B 59 -9.98 -13.95 -12.99
N ALA B 60 -10.26 -12.86 -13.73
CA ALA B 60 -9.20 -12.01 -14.24
C ALA B 60 -8.42 -11.38 -13.10
N GLN B 61 -9.11 -10.94 -12.04
CA GLN B 61 -8.45 -10.39 -10.86
C GLN B 61 -7.54 -11.41 -10.16
N ILE B 62 -7.98 -12.67 -10.12
CA ILE B 62 -7.23 -13.73 -9.46
C ILE B 62 -5.96 -14.04 -10.21
N ILE B 63 -6.03 -14.08 -11.54
CA ILE B 63 -4.85 -14.33 -12.37
C ILE B 63 -3.85 -13.20 -12.20
N THR B 64 -4.29 -11.94 -12.27
CA THR B 64 -3.38 -10.82 -12.17
CA THR B 64 -3.38 -10.80 -12.16
C THR B 64 -2.70 -10.86 -10.79
N ALA B 65 -3.48 -11.09 -9.72
CA ALA B 65 -2.98 -11.09 -8.35
C ALA B 65 -1.94 -12.18 -8.10
N THR B 66 -2.20 -13.41 -8.57
CA THR B 66 -1.26 -14.51 -8.40
C THR B 66 0.05 -14.23 -9.15
N GLN B 67 -0.04 -13.56 -10.30
CA GLN B 67 1.13 -13.19 -11.09
C GLN B 67 1.91 -12.05 -10.43
N GLU B 68 1.19 -10.98 -10.06
CA GLU B 68 1.81 -9.80 -9.46
C GLU B 68 2.45 -10.14 -8.12
N GLY B 69 1.72 -10.86 -7.27
CA GLY B 69 2.10 -11.12 -5.89
C GLY B 69 3.18 -12.20 -5.75
N PHE B 70 3.10 -13.26 -6.58
CA PHE B 70 3.90 -14.45 -6.37
C PHE B 70 4.64 -14.90 -7.63
N ASN B 71 4.41 -14.25 -8.78
CA ASN B 71 4.97 -14.69 -10.07
C ASN B 71 4.48 -16.10 -10.43
N PHE B 72 3.23 -16.41 -10.10
CA PHE B 72 2.62 -17.66 -10.52
C PHE B 72 2.55 -17.67 -12.05
N GLU B 73 2.99 -18.76 -12.69
CA GLU B 73 3.06 -18.82 -14.14
C GLU B 73 1.65 -18.72 -14.74
N ASN B 74 1.53 -18.00 -15.86
CA ASN B 74 0.26 -17.63 -16.49
C ASN B 74 -0.64 -18.85 -16.74
N ASN B 75 -0.11 -19.92 -17.34
CA ASN B 75 -0.93 -21.07 -17.69
C ASN B 75 -1.40 -21.78 -16.42
N ALA B 76 -0.52 -21.90 -15.42
CA ALA B 76 -0.89 -22.49 -14.14
C ALA B 76 -2.00 -21.67 -13.47
N ALA B 77 -1.92 -20.35 -13.58
CA ALA B 77 -2.95 -19.47 -13.02
C ALA B 77 -4.29 -19.69 -13.73
N ILE B 78 -4.26 -19.83 -15.05
CA ILE B 78 -5.47 -20.04 -15.83
C ILE B 78 -6.09 -21.39 -15.45
N VAL B 79 -5.27 -22.43 -15.31
CA VAL B 79 -5.76 -23.77 -15.05
C VAL B 79 -6.45 -23.82 -13.69
N ALA B 80 -5.82 -23.22 -12.67
CA ALA B 80 -6.35 -23.24 -11.31
C ALA B 80 -7.56 -22.33 -11.22
N THR B 81 -7.51 -21.16 -11.86
CA THR B 81 -8.56 -20.17 -11.61
C THR B 81 -9.88 -20.62 -12.22
N TYR B 82 -9.88 -21.09 -13.47
CA TYR B 82 -11.13 -21.38 -14.16
C TYR B 82 -11.68 -22.73 -13.67
N LEU B 83 -10.81 -23.63 -13.21
CA LEU B 83 -11.25 -24.83 -12.50
C LEU B 83 -12.08 -24.42 -11.28
N GLY B 84 -11.51 -23.54 -10.45
CA GLY B 84 -12.19 -23.07 -9.27
C GLY B 84 -13.50 -22.36 -9.61
N HIS B 85 -13.48 -21.56 -10.68
CA HIS B 85 -14.64 -20.77 -11.06
C HIS B 85 -15.74 -21.65 -11.67
N LEU B 86 -15.39 -22.56 -12.59
CA LEU B 86 -16.39 -23.41 -13.24
C LEU B 86 -17.17 -24.19 -12.19
N LEU B 87 -16.46 -24.75 -11.21
CA LEU B 87 -17.06 -25.62 -10.20
C LEU B 87 -17.70 -24.83 -9.05
N ASN B 88 -17.11 -23.69 -8.66
CA ASN B 88 -17.45 -23.08 -7.38
C ASN B 88 -17.88 -21.62 -7.49
N GLY B 89 -17.84 -21.04 -8.71
CA GLY B 89 -18.08 -19.62 -8.88
C GLY B 89 -19.45 -19.35 -9.48
N ASN B 90 -19.80 -18.06 -9.55
CA ASN B 90 -21.01 -17.60 -10.20
C ASN B 90 -20.66 -17.11 -11.60
N LEU B 91 -21.13 -17.86 -12.61
CA LEU B 91 -20.70 -17.63 -13.98
C LEU B 91 -21.42 -16.44 -14.59
N VAL B 92 -22.58 -16.06 -14.03
CA VAL B 92 -23.37 -14.94 -14.53
C VAL B 92 -22.74 -13.63 -14.07
N THR B 93 -22.39 -13.55 -12.78
CA THR B 93 -21.79 -12.34 -12.21
C THR B 93 -20.27 -12.33 -12.38
N ASP B 94 -19.67 -13.48 -12.70
CA ASP B 94 -18.22 -13.59 -12.92
C ASP B 94 -17.47 -13.36 -11.61
N LEU B 95 -18.01 -13.88 -10.50
CA LEU B 95 -17.46 -13.69 -9.17
C LEU B 95 -17.27 -15.05 -8.49
N LEU B 96 -16.12 -15.20 -7.83
CA LEU B 96 -15.74 -16.39 -7.08
C LEU B 96 -15.32 -15.98 -5.67
N SER B 97 -15.87 -16.69 -4.67
CA SER B 97 -15.46 -16.59 -3.28
C SER B 97 -14.26 -17.51 -3.04
N ILE B 98 -13.22 -17.00 -2.36
CA ILE B 98 -12.03 -17.79 -2.09
C ILE B 98 -12.26 -18.66 -0.85
N GLY B 99 -13.45 -18.54 -0.23
CA GLY B 99 -13.82 -19.35 0.91
C GLY B 99 -15.21 -19.96 0.75
N GLY B 100 -16.11 -19.63 1.68
CA GLY B 100 -17.45 -20.20 1.72
C GLY B 100 -18.48 -19.35 0.97
N ALA B 101 -19.76 -19.72 1.10
CA ALA B 101 -20.84 -19.10 0.35
C ALA B 101 -21.13 -17.70 0.89
N THR B 102 -21.56 -16.81 0.01
CA THR B 102 -21.76 -15.42 0.35
C THR B 102 -22.69 -14.78 -0.65
N PRO B 103 -23.60 -13.87 -0.22
CA PRO B 103 -24.38 -13.06 -1.16
C PRO B 103 -23.55 -12.14 -2.05
N LYS B 104 -22.30 -11.86 -1.65
CA LYS B 104 -21.39 -11.00 -2.42
C LYS B 104 -21.16 -11.55 -3.83
N THR B 105 -21.30 -12.87 -4.07
CA THR B 105 -21.14 -13.41 -5.42
C THR B 105 -22.44 -13.25 -6.21
N GLY B 106 -23.51 -12.79 -5.55
CA GLY B 106 -24.72 -12.38 -6.23
C GLY B 106 -25.81 -13.44 -6.19
N PRO B 107 -26.95 -13.22 -6.89
CA PRO B 107 -28.05 -14.19 -6.91
C PRO B 107 -27.58 -15.62 -7.22
N PRO B 108 -27.98 -16.62 -6.41
CA PRO B 108 -27.49 -17.99 -6.61
C PRO B 108 -27.90 -18.61 -7.94
N PRO B 109 -27.08 -19.52 -8.51
CA PRO B 109 -27.42 -20.19 -9.76
C PRO B 109 -28.48 -21.25 -9.54
N PRO B 110 -29.09 -21.79 -10.61
CA PRO B 110 -30.09 -22.85 -10.46
C PRO B 110 -29.44 -24.16 -9.99
N PRO B 111 -30.02 -24.85 -8.99
CA PRO B 111 -29.50 -26.14 -8.54
C PRO B 111 -29.44 -27.13 -9.69
N PRO B 112 -28.51 -28.13 -9.68
CA PRO B 112 -27.57 -28.34 -8.58
C PRO B 112 -26.30 -27.49 -8.45
N ALA B 113 -26.11 -26.50 -9.33
CA ALA B 113 -25.02 -25.54 -9.18
C ALA B 113 -25.19 -24.77 -7.87
N HIS B 114 -24.09 -24.22 -7.33
CA HIS B 114 -24.13 -23.66 -5.98
C HIS B 114 -23.37 -22.34 -5.85
N ALA B 115 -22.30 -22.14 -6.62
CA ALA B 115 -21.40 -21.00 -6.43
C ALA B 115 -21.01 -20.85 -4.95
N GLY B 116 -20.57 -21.96 -4.35
CA GLY B 116 -20.37 -22.06 -2.90
C GLY B 116 -18.95 -21.71 -2.44
N GLY B 117 -18.03 -21.45 -3.39
CA GLY B 117 -16.70 -20.97 -3.09
C GLY B 117 -15.68 -22.11 -3.02
N LEU B 118 -14.41 -21.77 -2.77
CA LEU B 118 -13.31 -22.72 -2.79
C LEU B 118 -13.41 -23.72 -1.64
N ASN B 119 -14.24 -23.41 -0.63
CA ASN B 119 -14.47 -24.29 0.51
C ASN B 119 -15.25 -25.56 0.13
N VAL B 120 -15.97 -25.58 -0.99
CA VAL B 120 -16.77 -26.74 -1.34
C VAL B 120 -15.87 -27.96 -1.53
N HIS B 121 -16.13 -29.01 -0.74
CA HIS B 121 -15.36 -30.25 -0.76
C HIS B 121 -15.87 -31.16 -1.87
N GLY B 122 -14.97 -31.92 -2.49
CA GLY B 122 -15.43 -33.03 -3.32
C GLY B 122 -14.83 -33.04 -4.74
N THR B 123 -14.75 -31.88 -5.40
CA THR B 123 -14.23 -31.89 -6.77
C THR B 123 -12.94 -31.07 -6.88
N PHE B 124 -12.82 -29.91 -6.21
CA PHE B 124 -11.54 -29.22 -6.11
C PHE B 124 -10.87 -29.48 -4.75
N GLU B 125 -11.29 -28.77 -3.71
CA GLU B 125 -10.74 -28.95 -2.37
C GLU B 125 -10.89 -30.41 -1.95
N GLY B 126 -9.82 -30.97 -1.36
CA GLY B 126 -9.84 -32.34 -0.87
C GLY B 126 -8.84 -32.58 0.27
N ASP B 127 -8.44 -33.85 0.41
CA ASP B 127 -7.91 -34.43 1.64
C ASP B 127 -6.38 -34.50 1.62
N ALA B 128 -5.79 -34.73 2.80
CA ALA B 128 -4.35 -34.92 2.96
C ALA B 128 -3.58 -33.63 2.65
N GLY B 129 -4.14 -32.49 3.05
CA GLY B 129 -3.46 -31.22 2.94
C GLY B 129 -2.40 -31.06 4.04
N MET B 130 -1.63 -29.97 3.97
CA MET B 130 -0.49 -29.76 4.84
C MET B 130 -0.91 -29.09 6.16
N THR B 131 -1.74 -28.05 6.09
CA THR B 131 -2.11 -27.26 7.26
C THR B 131 -3.63 -27.18 7.44
N ARG B 132 -4.38 -27.89 6.58
CA ARG B 132 -5.83 -27.98 6.69
C ARG B 132 -6.22 -29.46 6.85
N ALA B 133 -7.23 -29.70 7.71
CA ALA B 133 -7.70 -31.05 8.02
C ALA B 133 -8.77 -31.46 7.01
N ASP B 134 -8.90 -32.78 6.78
CA ASP B 134 -9.90 -33.36 5.88
C ASP B 134 -11.30 -32.93 6.32
N GLU B 135 -12.19 -32.76 5.33
CA GLU B 135 -13.56 -32.31 5.57
C GLU B 135 -14.29 -33.25 6.52
N PHE B 136 -13.95 -34.55 6.47
CA PHE B 136 -14.59 -35.55 7.34
C PHE B 136 -14.54 -35.10 8.81
N PHE B 137 -13.48 -34.40 9.21
CA PHE B 137 -13.28 -34.04 10.60
C PHE B 137 -13.97 -32.72 10.94
N GLY B 138 -14.60 -32.04 9.97
CA GLY B 138 -15.53 -30.97 10.31
C GLY B 138 -15.12 -29.57 9.82
N ASP B 139 -13.86 -29.37 9.39
CA ASP B 139 -13.40 -28.05 8.96
C ASP B 139 -12.26 -28.19 7.97
N ASN B 140 -12.52 -27.87 6.69
CA ASN B 140 -11.57 -28.15 5.62
C ASN B 140 -10.81 -26.89 5.19
N HIS B 141 -11.02 -25.78 5.91
CA HIS B 141 -10.56 -24.48 5.45
C HIS B 141 -9.64 -23.78 6.47
N SER B 142 -9.89 -23.96 7.76
CA SER B 142 -9.15 -23.28 8.81
C SER B 142 -7.74 -23.83 8.94
N PHE B 143 -6.78 -22.94 9.25
CA PHE B 143 -5.45 -23.33 9.67
C PHE B 143 -5.52 -24.21 10.92
N ASN B 144 -4.74 -25.31 10.93
CA ASN B 144 -4.71 -26.31 11.98
C ASN B 144 -3.30 -26.46 12.53
N GLN B 145 -3.12 -26.08 13.80
CA GLN B 145 -1.81 -26.01 14.44
C GLN B 145 -1.19 -27.39 14.59
N THR B 146 -2.01 -28.42 14.86
CA THR B 146 -1.52 -29.77 15.03
C THR B 146 -0.82 -30.21 13.74
N LEU B 147 -1.43 -29.94 12.58
CA LEU B 147 -0.85 -30.30 11.30
C LEU B 147 0.40 -29.46 11.01
N PHE B 148 0.40 -28.19 11.41
CA PHE B 148 1.57 -27.35 11.22
C PHE B 148 2.73 -27.87 12.06
N ASP B 149 2.44 -28.45 13.24
CA ASP B 149 3.47 -29.01 14.09
C ASP B 149 4.16 -30.18 13.39
N LYS B 150 3.38 -31.01 12.67
CA LYS B 150 3.92 -32.10 11.87
C LYS B 150 4.77 -31.56 10.73
N PHE B 151 4.32 -30.46 10.11
CA PHE B 151 5.10 -29.73 9.11
C PHE B 151 6.47 -29.37 9.67
N VAL B 152 6.48 -28.82 10.88
CA VAL B 152 7.71 -28.38 11.53
C VAL B 152 8.57 -29.62 11.84
N ASP B 153 7.95 -30.67 12.37
CA ASP B 153 8.67 -31.88 12.76
C ASP B 153 9.41 -32.49 11.56
N PHE B 154 8.70 -32.64 10.44
CA PHE B 154 9.26 -33.23 9.23
C PHE B 154 10.36 -32.33 8.66
N SER B 155 10.19 -31.02 8.78
CA SER B 155 11.23 -30.09 8.38
C SER B 155 12.47 -30.26 9.26
N ASN B 156 12.26 -30.51 10.57
CA ASN B 156 13.37 -30.77 11.48
C ASN B 156 14.05 -32.07 11.12
N ARG B 157 13.27 -33.10 10.76
CA ARG B 157 13.80 -34.43 10.55
C ARG B 157 14.50 -34.60 9.20
N TYR B 158 14.08 -33.84 8.18
CA TYR B 158 14.56 -34.10 6.82
C TYR B 158 15.16 -32.85 6.16
N GLY B 159 15.00 -31.67 6.76
CA GLY B 159 15.40 -30.44 6.07
C GLY B 159 16.22 -29.50 6.94
N GLY B 160 16.83 -30.01 8.01
CA GLY B 160 17.70 -29.19 8.83
C GLY B 160 16.95 -28.04 9.50
N GLY B 161 15.62 -28.18 9.66
CA GLY B 161 14.78 -27.16 10.27
C GLY B 161 14.06 -26.29 9.23
N PHE B 162 14.27 -26.60 7.94
CA PHE B 162 13.70 -25.86 6.83
C PHE B 162 12.88 -26.79 5.94
N TYR B 163 11.86 -26.24 5.26
CA TYR B 163 11.08 -27.02 4.31
C TYR B 163 11.76 -26.95 2.93
N ASN B 164 12.14 -28.13 2.42
CA ASN B 164 12.71 -28.28 1.08
C ASN B 164 12.09 -29.52 0.41
N LEU B 165 12.60 -29.89 -0.76
CA LEU B 165 12.03 -30.95 -1.58
C LEU B 165 12.03 -32.30 -0.87
N THR B 166 13.10 -32.61 -0.13
CA THR B 166 13.18 -33.84 0.64
C THR B 166 12.03 -33.89 1.64
N VAL B 167 11.79 -32.77 2.34
CA VAL B 167 10.73 -32.69 3.34
C VAL B 167 9.38 -32.90 2.64
N ALA B 168 9.20 -32.22 1.50
CA ALA B 168 7.96 -32.29 0.74
C ALA B 168 7.64 -33.75 0.41
N GLY B 169 8.63 -34.49 -0.09
CA GLY B 169 8.45 -35.88 -0.45
C GLY B 169 7.95 -36.73 0.72
N GLU B 170 8.59 -36.55 1.89
CA GLU B 170 8.26 -37.33 3.07
C GLU B 170 6.90 -36.91 3.64
N LEU B 171 6.66 -35.59 3.75
CA LEU B 171 5.43 -35.10 4.36
C LEU B 171 4.21 -35.53 3.54
N ARG B 172 4.30 -35.43 2.21
CA ARG B 172 3.17 -35.76 1.35
C ARG B 172 2.69 -37.20 1.63
N TYR B 173 3.64 -38.14 1.69
CA TYR B 173 3.31 -39.54 1.89
C TYR B 173 2.70 -39.74 3.28
N SER B 174 3.33 -39.17 4.30
CA SER B 174 2.88 -39.35 5.68
C SER B 174 1.45 -38.84 5.85
N ARG B 175 1.12 -37.69 5.23
CA ARG B 175 -0.23 -37.12 5.34
C ARG B 175 -1.25 -38.03 4.67
N ILE B 176 -0.88 -38.65 3.55
CA ILE B 176 -1.73 -39.64 2.90
C ILE B 176 -2.00 -40.79 3.88
N GLN B 177 -0.94 -41.29 4.53
CA GLN B 177 -1.08 -42.37 5.50
C GLN B 177 -2.02 -41.93 6.65
N ASP B 178 -1.85 -40.71 7.17
CA ASP B 178 -2.71 -40.20 8.22
C ASP B 178 -4.19 -40.36 7.83
N SER B 179 -4.52 -39.98 6.60
CA SER B 179 -5.89 -40.00 6.14
C SER B 179 -6.39 -41.43 5.92
N ILE B 180 -5.53 -42.32 5.39
CA ILE B 180 -5.91 -43.71 5.22
C ILE B 180 -6.33 -44.30 6.57
N ALA B 181 -5.53 -44.00 7.60
CA ALA B 181 -5.68 -44.58 8.92
C ALA B 181 -6.86 -43.99 9.68
N THR B 182 -7.28 -42.75 9.37
CA THR B 182 -8.19 -42.02 10.26
C THR B 182 -9.48 -41.59 9.56
N ASN B 183 -9.52 -41.54 8.23
CA ASN B 183 -10.65 -40.95 7.52
C ASN B 183 -11.29 -42.03 6.66
N PRO B 184 -12.47 -42.56 7.04
CA PRO B 184 -13.11 -43.63 6.28
C PRO B 184 -13.70 -43.18 4.95
N GLU B 185 -13.86 -41.85 4.78
CA GLU B 185 -14.35 -41.25 3.54
C GLU B 185 -13.21 -40.68 2.70
N PHE B 186 -11.95 -41.01 3.02
CA PHE B 186 -10.78 -40.46 2.34
C PHE B 186 -10.81 -40.76 0.84
N GLN B 187 -10.71 -39.68 0.03
CA GLN B 187 -10.58 -39.76 -1.41
C GLN B 187 -9.30 -39.05 -1.84
N PHE B 188 -8.55 -39.67 -2.76
CA PHE B 188 -7.34 -39.08 -3.32
C PHE B 188 -7.25 -39.41 -4.81
N LYS B 189 -8.16 -38.84 -5.60
CA LYS B 189 -8.27 -39.15 -7.03
C LYS B 189 -8.60 -37.89 -7.83
N ASN B 190 -8.47 -38.01 -9.15
CA ASN B 190 -8.84 -36.98 -10.11
C ASN B 190 -8.16 -35.66 -9.74
N VAL B 191 -8.94 -34.61 -9.51
CA VAL B 191 -8.39 -33.28 -9.32
C VAL B 191 -7.44 -33.30 -8.12
N ARG B 192 -7.88 -33.92 -7.02
CA ARG B 192 -7.13 -33.84 -5.77
C ARG B 192 -5.76 -34.49 -5.94
N PHE B 193 -5.71 -35.64 -6.63
CA PHE B 193 -4.47 -36.36 -6.83
C PHE B 193 -3.45 -35.44 -7.51
N ILE B 194 -3.89 -34.68 -8.51
CA ILE B 194 -2.97 -33.86 -9.29
C ILE B 194 -2.57 -32.61 -8.51
N THR B 195 -3.55 -31.87 -7.98
CA THR B 195 -3.30 -30.59 -7.35
C THR B 195 -2.51 -30.77 -6.05
N ALA B 196 -2.64 -31.93 -5.39
CA ALA B 196 -1.98 -32.16 -4.11
C ALA B 196 -0.46 -32.18 -4.25
N TYR B 197 0.08 -32.70 -5.34
CA TYR B 197 1.52 -32.77 -5.50
C TYR B 197 2.05 -31.37 -5.80
N GLY B 198 1.31 -30.58 -6.59
CA GLY B 198 1.69 -29.21 -6.88
C GLY B 198 1.74 -28.34 -5.62
N GLU B 199 0.75 -28.51 -4.75
CA GLU B 199 0.62 -27.70 -3.54
CA GLU B 199 0.60 -27.72 -3.53
C GLU B 199 1.84 -27.91 -2.64
N THR B 200 2.44 -29.11 -2.65
CA THR B 200 3.53 -29.41 -1.74
C THR B 200 4.81 -28.70 -2.16
N VAL B 201 4.94 -28.28 -3.43
CA VAL B 201 6.14 -27.58 -3.89
C VAL B 201 5.94 -26.08 -3.98
N PHE B 202 4.68 -25.60 -3.99
CA PHE B 202 4.42 -24.18 -4.02
C PHE B 202 5.16 -23.46 -2.88
N PRO B 203 5.24 -24.00 -1.65
CA PRO B 203 5.98 -23.32 -0.59
C PRO B 203 7.45 -23.07 -0.92
N ILE B 204 8.03 -23.99 -1.71
CA ILE B 204 9.43 -23.88 -2.11
C ILE B 204 9.57 -22.88 -3.25
N ASN B 205 8.73 -23.01 -4.29
CA ASN B 205 8.90 -22.26 -5.52
C ASN B 205 8.33 -20.85 -5.41
N LEU B 206 7.34 -20.65 -4.52
CA LEU B 206 6.66 -19.36 -4.46
C LEU B 206 6.75 -18.67 -3.09
N PHE B 207 6.93 -19.39 -1.98
CA PHE B 207 6.88 -18.78 -0.66
C PHE B 207 8.29 -18.39 -0.21
N VAL B 208 9.31 -19.01 -0.82
CA VAL B 208 10.69 -18.65 -0.59
C VAL B 208 11.04 -17.40 -1.41
N ASP B 209 11.66 -16.43 -0.74
CA ASP B 209 12.01 -15.14 -1.31
C ASP B 209 12.78 -15.36 -2.62
N GLY B 210 12.48 -14.53 -3.64
CA GLY B 210 13.01 -14.70 -4.98
C GLY B 210 14.50 -14.34 -5.12
N ARG B 211 15.04 -13.56 -4.17
CA ARG B 211 16.45 -13.24 -4.11
C ARG B 211 17.27 -14.46 -3.69
N VAL B 212 16.63 -15.48 -3.12
CA VAL B 212 17.31 -16.71 -2.74
C VAL B 212 17.39 -17.60 -3.97
N THR B 213 18.61 -17.93 -4.42
CA THR B 213 18.77 -18.65 -5.68
C THR B 213 19.48 -19.99 -5.51
N THR B 214 20.23 -20.18 -4.41
CA THR B 214 20.82 -21.49 -4.12
C THR B 214 20.09 -22.09 -2.90
N ASP B 215 19.88 -23.40 -2.92
CA ASP B 215 19.38 -24.15 -1.76
C ASP B 215 18.08 -23.53 -1.24
N ARG B 216 17.08 -23.41 -2.13
CA ARG B 216 15.83 -22.76 -1.78
C ARG B 216 15.09 -23.62 -0.75
N LYS B 217 14.76 -23.00 0.39
CA LYS B 217 14.15 -23.67 1.52
C LYS B 217 13.38 -22.63 2.33
N LEU B 218 12.27 -23.07 2.94
CA LEU B 218 11.38 -22.15 3.65
C LEU B 218 11.59 -22.28 5.15
N SER B 219 11.81 -21.16 5.83
CA SER B 219 11.86 -21.13 7.29
C SER B 219 10.46 -21.35 7.84
N MET B 220 10.37 -21.87 9.08
CA MET B 220 9.08 -22.08 9.72
C MET B 220 8.39 -20.76 10.05
N GLU B 221 9.18 -19.70 10.27
CA GLU B 221 8.63 -18.37 10.56
C GLU B 221 7.85 -17.86 9.34
N ASP B 222 8.46 -18.00 8.15
CA ASP B 222 7.85 -17.57 6.90
C ASP B 222 6.64 -18.44 6.59
N ALA B 223 6.77 -19.75 6.79
CA ALA B 223 5.62 -20.64 6.64
C ALA B 223 4.46 -20.21 7.55
N ALA B 224 4.74 -19.90 8.83
CA ALA B 224 3.66 -19.57 9.76
C ALA B 224 2.98 -18.29 9.30
N SER B 225 3.80 -17.34 8.87
CA SER B 225 3.31 -16.04 8.47
C SER B 225 2.27 -16.17 7.34
N ILE B 226 2.56 -17.02 6.34
CA ILE B 226 1.69 -17.16 5.18
C ILE B 226 0.52 -18.10 5.51
N PHE B 227 0.84 -19.31 5.97
CA PHE B 227 -0.16 -20.35 6.21
C PHE B 227 -1.16 -19.97 7.30
N ARG B 228 -0.73 -19.24 8.34
CA ARG B 228 -1.58 -18.94 9.48
C ARG B 228 -2.05 -17.50 9.46
N ASP B 229 -1.16 -16.52 9.25
CA ASP B 229 -1.54 -15.12 9.41
C ASP B 229 -1.92 -14.46 8.08
N MET B 230 -1.73 -15.16 6.94
CA MET B 230 -2.08 -14.62 5.62
C MET B 230 -1.26 -13.36 5.34
N ARG B 231 0.03 -13.40 5.72
CA ARG B 231 0.91 -12.23 5.70
C ARG B 231 2.19 -12.61 4.97
N PHE B 232 2.58 -11.79 3.99
CA PHE B 232 3.90 -11.88 3.41
C PHE B 232 4.95 -11.65 4.49
N PRO B 233 6.09 -12.38 4.46
CA PRO B 233 7.25 -12.00 5.25
C PRO B 233 7.65 -10.55 5.01
N ASP B 234 8.28 -9.93 6.01
CA ASP B 234 8.83 -8.59 5.87
C ASP B 234 9.73 -8.55 4.63
N ASP B 235 9.60 -7.49 3.83
CA ASP B 235 10.47 -7.24 2.71
C ASP B 235 10.39 -8.37 1.66
N PHE B 236 9.22 -9.02 1.53
CA PHE B 236 9.14 -10.21 0.70
C PHE B 236 9.26 -9.85 -0.78
N HIS B 237 10.17 -10.57 -1.45
CA HIS B 237 10.37 -10.44 -2.88
C HIS B 237 9.90 -11.74 -3.54
N ARG B 238 9.01 -11.62 -4.52
CA ARG B 238 8.52 -12.78 -5.24
C ARG B 238 9.62 -13.46 -6.07
N SER B 239 9.33 -14.70 -6.49
CA SER B 239 10.17 -15.48 -7.40
C SER B 239 10.69 -14.62 -8.55
N ALA B 240 11.96 -14.80 -8.90
CA ALA B 240 12.59 -13.99 -9.96
C ALA B 240 12.17 -14.51 -11.35
N VAL B 241 11.49 -15.67 -11.39
CA VAL B 241 10.95 -16.26 -12.60
C VAL B 241 9.50 -16.66 -12.36
N PRO B 242 8.63 -16.65 -13.40
CA PRO B 242 7.31 -17.30 -13.30
C PRO B 242 7.48 -18.76 -12.90
N ALA B 243 6.65 -19.24 -11.96
CA ALA B 243 6.84 -20.59 -11.41
C ALA B 243 5.50 -21.19 -10.99
N SER B 244 5.50 -22.52 -10.81
CA SER B 244 4.31 -23.31 -10.52
C SER B 244 4.74 -24.57 -9.77
N ASN B 245 4.69 -25.74 -10.43
CA ASN B 245 4.82 -27.02 -9.74
C ASN B 245 6.15 -27.72 -10.04
N GLU B 246 7.23 -26.95 -10.26
CA GLU B 246 8.53 -27.54 -10.51
C GLU B 246 8.94 -28.38 -9.28
N GLY B 247 9.32 -29.64 -9.54
CA GLY B 247 9.77 -30.55 -8.49
C GLY B 247 8.67 -31.53 -8.07
N ALA B 248 7.44 -31.35 -8.54
CA ALA B 248 6.32 -32.15 -8.08
C ALA B 248 6.49 -33.62 -8.48
N ASP B 249 7.15 -33.86 -9.62
CA ASP B 249 7.48 -35.19 -10.08
CA ASP B 249 7.46 -35.21 -10.06
C ASP B 249 8.42 -35.89 -9.09
N GLN B 250 9.37 -35.15 -8.51
CA GLN B 250 10.30 -35.72 -7.54
C GLN B 250 9.57 -36.12 -6.25
N VAL B 251 8.54 -35.37 -5.86
CA VAL B 251 7.79 -35.66 -4.65
C VAL B 251 7.07 -37.00 -4.81
N LEU B 252 6.46 -37.22 -5.98
CA LEU B 252 5.80 -38.48 -6.31
C LEU B 252 6.83 -39.61 -6.38
N ALA B 253 8.01 -39.34 -6.94
CA ALA B 253 9.03 -40.36 -7.11
C ALA B 253 9.52 -40.89 -5.75
N ALA B 254 9.58 -40.02 -4.74
CA ALA B 254 10.06 -40.39 -3.41
C ALA B 254 9.19 -41.47 -2.76
N HIS B 255 7.87 -41.39 -2.98
CA HIS B 255 6.93 -42.41 -2.51
C HIS B 255 5.85 -42.62 -3.57
N PRO B 256 6.12 -43.46 -4.60
CA PRO B 256 5.14 -43.73 -5.65
C PRO B 256 3.79 -44.11 -5.05
N TRP B 257 2.73 -43.50 -5.59
CA TRP B 257 1.39 -43.64 -5.08
C TRP B 257 0.40 -43.56 -6.24
N VAL B 258 -0.74 -44.24 -6.09
CA VAL B 258 -1.72 -44.36 -7.15
C VAL B 258 -3.02 -43.70 -6.69
N PRO B 259 -3.76 -43.00 -7.59
CA PRO B 259 -5.05 -42.42 -7.21
C PRO B 259 -6.03 -43.50 -6.73
N GLY B 260 -6.88 -43.13 -5.77
CA GLY B 260 -7.87 -44.03 -5.22
C GLY B 260 -8.54 -43.42 -3.99
N GLY B 261 -8.93 -44.28 -3.04
CA GLY B 261 -9.56 -43.85 -1.81
C GLY B 261 -9.91 -45.06 -0.92
N ASN B 262 -10.24 -44.78 0.35
CA ASN B 262 -10.77 -45.80 1.25
C ASN B 262 -12.17 -46.19 0.78
N ALA B 263 -12.43 -47.51 0.69
CA ALA B 263 -13.73 -48.01 0.25
C ALA B 263 -14.63 -48.32 1.45
N ASP B 264 -15.95 -48.16 1.26
CA ASP B 264 -16.95 -48.78 2.12
C ASP B 264 -16.95 -48.16 3.51
N ASN B 265 -16.88 -46.83 3.61
CA ASN B 265 -16.86 -46.13 4.88
C ASN B 265 -15.96 -46.86 5.89
N GLN B 266 -14.79 -47.33 5.44
CA GLN B 266 -13.88 -48.08 6.30
C GLN B 266 -12.46 -47.51 6.18
N VAL B 267 -11.77 -47.42 7.32
CA VAL B 267 -10.38 -46.99 7.35
C VAL B 267 -9.47 -48.14 6.92
N ASN B 268 -8.20 -47.81 6.66
CA ASN B 268 -7.18 -48.76 6.22
C ASN B 268 -7.72 -49.69 5.14
N ASN B 269 -8.42 -49.13 4.16
CA ASN B 269 -9.03 -49.91 3.09
C ASN B 269 -8.90 -49.16 1.77
N TYR B 270 -7.66 -48.78 1.44
CA TYR B 270 -7.39 -47.96 0.26
C TYR B 270 -7.42 -48.83 -0.99
N VAL B 271 -8.27 -48.44 -1.95
CA VAL B 271 -8.41 -49.13 -3.23
C VAL B 271 -8.01 -48.18 -4.36
N GLU B 272 -7.14 -48.66 -5.25
CA GLU B 272 -6.74 -47.93 -6.44
CA GLU B 272 -6.74 -47.93 -6.44
C GLU B 272 -7.95 -47.67 -7.35
N ASP B 273 -7.93 -46.52 -8.04
CA ASP B 273 -8.92 -46.18 -9.06
C ASP B 273 -8.20 -46.11 -10.41
N PRO B 274 -8.37 -47.12 -11.29
CA PRO B 274 -7.63 -47.15 -12.55
C PRO B 274 -8.13 -46.18 -13.62
N ASP B 275 -9.33 -45.60 -13.41
CA ASP B 275 -9.95 -44.66 -14.34
C ASP B 275 -9.54 -43.22 -14.06
N SER B 276 -8.99 -42.97 -12.86
CA SER B 276 -8.61 -41.63 -12.42
C SER B 276 -7.51 -41.07 -13.32
N ALA B 277 -7.48 -39.74 -13.42
CA ALA B 277 -6.31 -39.05 -13.95
C ALA B 277 -5.10 -39.36 -13.09
N ASP B 278 -3.92 -39.35 -13.74
CA ASP B 278 -2.64 -39.37 -13.05
C ASP B 278 -1.68 -38.51 -13.89
N PHE B 279 -0.37 -38.58 -13.63
CA PHE B 279 0.56 -37.63 -14.21
C PHE B 279 0.97 -38.02 -15.63
N THR B 280 0.63 -39.24 -16.08
CA THR B 280 0.84 -39.62 -17.47
C THR B 280 -0.49 -39.67 -18.22
N HIS B 281 -1.60 -39.35 -17.53
CA HIS B 281 -2.94 -39.37 -18.11
C HIS B 281 -3.70 -38.12 -17.66
N LEU B 282 -3.21 -36.94 -18.05
CA LEU B 282 -3.67 -35.66 -17.53
C LEU B 282 -4.97 -35.19 -18.18
N CYS B 283 -5.20 -35.56 -19.45
CA CYS B 283 -6.40 -35.12 -20.15
C CYS B 283 -7.64 -35.75 -19.54
N ARG B 284 -7.49 -36.87 -18.82
CA ARG B 284 -8.59 -37.45 -18.07
C ARG B 284 -9.15 -36.44 -17.08
N LEU B 285 -8.27 -35.61 -16.50
CA LEU B 285 -8.69 -34.60 -15.56
C LEU B 285 -9.57 -33.57 -16.27
N TYR B 286 -9.14 -33.15 -17.46
CA TYR B 286 -9.89 -32.21 -18.28
C TYR B 286 -11.31 -32.72 -18.47
N GLU B 287 -11.46 -33.99 -18.86
CA GLU B 287 -12.75 -34.58 -19.17
C GLU B 287 -13.61 -34.78 -17.92
N PHE B 288 -12.99 -35.16 -16.79
CA PHE B 288 -13.70 -35.30 -15.52
C PHE B 288 -14.42 -34.00 -15.17
N VAL B 289 -13.74 -32.86 -15.33
CA VAL B 289 -14.30 -31.57 -14.92
C VAL B 289 -15.38 -31.15 -15.91
N VAL B 290 -15.16 -31.36 -17.21
CA VAL B 290 -16.19 -31.05 -18.19
C VAL B 290 -17.47 -31.79 -17.80
N GLY B 291 -17.31 -33.07 -17.42
CA GLY B 291 -18.39 -33.91 -16.91
C GLY B 291 -19.04 -33.34 -15.65
N SER B 292 -18.23 -32.93 -14.66
CA SER B 292 -18.74 -32.38 -13.41
C SER B 292 -19.53 -31.12 -13.70
N VAL B 293 -19.06 -30.31 -14.65
CA VAL B 293 -19.72 -29.06 -15.00
C VAL B 293 -21.11 -29.36 -15.59
N GLN B 294 -21.19 -30.39 -16.44
CA GLN B 294 -22.43 -30.81 -17.05
C GLN B 294 -23.43 -31.29 -16.00
N GLU B 295 -22.96 -31.92 -14.92
CA GLU B 295 -23.81 -32.32 -13.81
C GLU B 295 -24.32 -31.09 -13.07
N LEU B 296 -23.48 -30.06 -12.88
CA LEU B 296 -23.89 -28.85 -12.16
C LEU B 296 -24.85 -28.05 -13.03
N TYR B 297 -24.63 -28.07 -14.35
CA TYR B 297 -25.36 -27.24 -15.29
C TYR B 297 -25.93 -28.10 -16.41
N PRO B 298 -27.00 -28.91 -16.13
CA PRO B 298 -27.53 -29.83 -17.14
C PRO B 298 -28.23 -29.20 -18.34
N ASN B 299 -28.93 -28.08 -18.12
CA ASN B 299 -29.65 -27.41 -19.20
C ASN B 299 -29.58 -25.89 -18.98
N PRO B 300 -28.39 -25.25 -19.12
CA PRO B 300 -28.30 -23.80 -19.02
C PRO B 300 -28.93 -23.09 -20.22
N THR B 301 -29.52 -21.92 -20.00
CA THR B 301 -29.94 -21.04 -21.08
C THR B 301 -29.44 -19.62 -20.83
N GLY B 302 -29.38 -18.82 -21.89
CA GLY B 302 -29.17 -17.39 -21.78
C GLY B 302 -27.71 -17.03 -21.54
N ILE B 303 -27.48 -15.98 -20.74
CA ILE B 303 -26.12 -15.53 -20.46
C ILE B 303 -25.38 -16.60 -19.68
N LEU B 304 -26.07 -17.38 -18.85
CA LEU B 304 -25.45 -18.51 -18.17
C LEU B 304 -24.83 -19.49 -19.17
N ARG B 305 -25.58 -19.85 -20.22
CA ARG B 305 -25.08 -20.73 -21.25
C ARG B 305 -23.87 -20.10 -21.94
N ARG B 306 -24.01 -18.83 -22.32
CA ARG B 306 -22.94 -18.09 -22.99
C ARG B 306 -21.66 -18.09 -22.13
N ASN B 307 -21.79 -17.78 -20.84
CA ASN B 307 -20.65 -17.61 -19.95
C ASN B 307 -20.00 -18.96 -19.68
N LEU B 308 -20.79 -20.02 -19.60
CA LEU B 308 -20.27 -21.38 -19.53
C LEU B 308 -19.40 -21.71 -20.73
N ILE B 309 -19.88 -21.39 -21.94
CA ILE B 309 -19.13 -21.68 -23.15
C ILE B 309 -17.79 -20.96 -23.10
N LYS B 310 -17.82 -19.67 -22.75
CA LYS B 310 -16.62 -18.84 -22.69
C LYS B 310 -15.62 -19.37 -21.65
N ASN B 311 -16.10 -19.60 -20.42
CA ASN B 311 -15.25 -20.00 -19.32
C ASN B 311 -14.64 -21.38 -19.59
N LEU B 312 -15.38 -22.26 -20.28
CA LEU B 312 -14.86 -23.57 -20.65
C LEU B 312 -13.72 -23.42 -21.64
N HIS B 313 -13.90 -22.55 -22.64
CA HIS B 313 -12.86 -22.29 -23.61
C HIS B 313 -11.63 -21.69 -22.91
N TYR B 314 -11.87 -20.71 -22.03
CA TYR B 314 -10.79 -20.05 -21.30
C TYR B 314 -9.96 -21.07 -20.53
N TRP B 315 -10.63 -22.01 -19.85
CA TRP B 315 -9.93 -23.05 -19.10
C TRP B 315 -9.09 -23.91 -20.03
N TRP B 316 -9.65 -24.28 -21.21
CA TRP B 316 -8.95 -25.13 -22.16
C TRP B 316 -7.65 -24.48 -22.64
N THR B 317 -7.66 -23.15 -22.83
CA THR B 317 -6.48 -22.45 -23.32
C THR B 317 -5.29 -22.70 -22.38
N GLY B 318 -5.53 -22.71 -21.07
CA GLY B 318 -4.49 -23.04 -20.10
C GLY B 318 -4.16 -24.53 -20.08
N VAL B 319 -5.21 -25.37 -20.05
CA VAL B 319 -5.06 -26.82 -19.94
C VAL B 319 -4.25 -27.32 -21.13
N ASN B 320 -4.52 -26.78 -22.32
CA ASN B 320 -3.92 -27.29 -23.55
C ASN B 320 -2.40 -27.25 -23.45
N VAL B 321 -1.86 -26.13 -22.96
CA VAL B 321 -0.42 -25.95 -22.84
C VAL B 321 0.10 -26.76 -21.65
N ALA B 322 -0.63 -26.73 -20.55
CA ALA B 322 -0.18 -27.31 -19.29
C ALA B 322 -0.19 -28.84 -19.30
N PHE B 323 -1.14 -29.47 -20.01
CA PHE B 323 -1.23 -30.92 -20.03
C PHE B 323 -0.59 -31.50 -21.29
N GLY B 324 0.03 -30.63 -22.10
CA GLY B 324 0.73 -31.03 -23.31
C GLY B 324 -0.21 -31.43 -24.44
N GLY B 325 -1.37 -30.78 -24.57
CA GLY B 325 -2.33 -31.04 -25.64
C GLY B 325 -3.49 -31.92 -25.19
N CYS B 326 -4.69 -31.33 -25.14
CA CYS B 326 -5.93 -32.04 -24.90
C CYS B 326 -6.95 -31.56 -25.93
N ASP B 327 -7.75 -32.48 -26.50
CA ASP B 327 -8.76 -32.10 -27.46
C ASP B 327 -9.89 -31.38 -26.72
N GLU B 328 -10.23 -30.18 -27.18
CA GLU B 328 -11.26 -29.36 -26.56
C GLU B 328 -12.63 -30.01 -26.74
N LEU B 329 -13.42 -30.01 -25.66
CA LEU B 329 -14.80 -30.50 -25.66
C LEU B 329 -15.74 -29.30 -25.64
N PHE B 330 -16.94 -29.46 -26.24
CA PHE B 330 -17.93 -28.40 -26.39
C PHE B 330 -19.30 -28.90 -25.95
N PRO B 331 -19.50 -29.17 -24.65
CA PRO B 331 -20.78 -29.74 -24.19
C PRO B 331 -22.02 -28.86 -24.40
N TYR B 332 -21.84 -27.55 -24.58
CA TYR B 332 -22.96 -26.66 -24.85
C TYR B 332 -22.81 -26.04 -26.24
N GLY B 333 -22.03 -26.70 -27.09
CA GLY B 333 -21.76 -26.20 -28.42
C GLY B 333 -20.92 -24.91 -28.40
N GLN B 334 -21.15 -24.02 -29.37
CA GLN B 334 -20.34 -22.84 -29.55
C GLN B 334 -21.22 -21.59 -29.68
N LEU B 335 -20.56 -20.43 -29.59
CA LEU B 335 -21.23 -19.15 -29.71
C LEU B 335 -21.51 -18.82 -31.18
N GLN C 1 21.89 0.07 -14.74
CA GLN C 1 20.44 0.00 -14.42
C GLN C 1 19.91 1.41 -14.14
N GLY C 2 20.37 1.99 -13.01
CA GLY C 2 20.00 3.34 -12.64
C GLY C 2 20.90 4.34 -13.35
N VAL C 3 20.38 5.54 -13.56
CA VAL C 3 21.09 6.60 -14.25
C VAL C 3 21.14 7.78 -13.29
N ASP C 4 22.18 8.61 -13.44
CA ASP C 4 22.26 9.88 -12.75
C ASP C 4 21.69 10.96 -13.68
N PRO C 5 20.55 11.62 -13.32
CA PRO C 5 19.91 12.60 -14.22
C PRO C 5 20.71 13.90 -14.38
N PRO C 6 21.04 14.32 -15.62
CA PRO C 6 21.74 15.58 -15.88
C PRO C 6 20.79 16.74 -15.58
N PRO C 7 21.32 17.93 -15.24
CA PRO C 7 20.46 19.10 -15.12
C PRO C 7 19.79 19.40 -16.46
N PRO C 8 18.68 20.17 -16.48
CA PRO C 8 18.04 20.57 -17.72
C PRO C 8 18.99 21.36 -18.62
N PRO C 9 18.98 21.13 -19.95
CA PRO C 9 19.68 22.01 -20.90
C PRO C 9 19.18 23.45 -20.78
N GLY C 10 20.07 24.40 -21.08
CA GLY C 10 19.71 25.82 -21.14
C GLY C 10 19.12 26.18 -22.51
N PRO C 11 18.83 27.48 -22.76
CA PRO C 11 18.29 27.92 -24.05
C PRO C 11 19.30 27.60 -25.15
N PRO C 12 18.87 27.49 -26.42
CA PRO C 12 19.83 27.31 -27.52
C PRO C 12 20.73 28.52 -27.71
N SER C 13 21.96 28.30 -28.21
CA SER C 13 22.86 29.37 -28.62
C SER C 13 22.21 30.28 -29.66
N PHE C 14 21.68 29.69 -30.75
CA PHE C 14 21.03 30.43 -31.82
C PHE C 14 19.53 30.33 -31.58
N THR C 15 18.86 31.49 -31.49
CA THR C 15 17.43 31.54 -31.22
C THR C 15 16.67 32.15 -32.40
N GLY C 16 17.28 32.26 -33.58
CA GLY C 16 16.58 32.74 -34.76
C GLY C 16 15.84 31.62 -35.51
N THR C 17 15.20 31.98 -36.63
CA THR C 17 14.56 31.00 -37.48
C THR C 17 15.64 30.19 -38.20
N LYS C 18 15.26 28.99 -38.62
CA LYS C 18 16.07 28.15 -39.50
C LYS C 18 15.16 27.08 -40.09
N LEU C 19 15.64 26.43 -41.15
CA LEU C 19 14.97 25.27 -41.73
C LEU C 19 15.09 24.13 -40.73
N VAL C 20 13.97 23.53 -40.34
CA VAL C 20 14.00 22.42 -39.41
C VAL C 20 13.63 21.12 -40.13
N ASN C 21 12.88 21.23 -41.22
CA ASN C 21 12.58 20.10 -42.10
C ASN C 21 13.73 19.94 -43.09
N ASP C 22 14.85 19.36 -42.63
CA ASP C 22 16.08 19.37 -43.39
C ASP C 22 16.51 17.93 -43.64
N ALA C 23 17.67 17.74 -44.27
CA ALA C 23 18.08 16.44 -44.79
C ALA C 23 18.42 15.48 -43.67
N ASP C 24 18.89 16.02 -42.54
CA ASP C 24 19.28 15.23 -41.38
C ASP C 24 18.05 14.83 -40.54
N HIS C 25 16.89 15.46 -40.82
CA HIS C 25 15.67 15.23 -40.06
C HIS C 25 14.50 14.93 -41.00
N PRO C 26 14.58 13.86 -41.84
CA PRO C 26 13.45 13.47 -42.69
C PRO C 26 12.29 12.84 -41.93
N TRP C 27 11.05 13.14 -42.34
CA TRP C 27 9.89 12.36 -41.92
C TRP C 27 10.08 10.91 -42.36
N GLN C 28 9.80 9.96 -41.46
CA GLN C 28 9.75 8.54 -41.78
C GLN C 28 8.47 7.96 -41.19
N PRO C 29 7.86 6.94 -41.83
CA PRO C 29 6.66 6.30 -41.26
C PRO C 29 6.98 5.51 -39.99
N LEU C 30 5.94 5.27 -39.19
CA LEU C 30 6.07 4.48 -37.98
C LEU C 30 6.44 3.04 -38.33
N ARG C 31 7.37 2.48 -37.56
CA ARG C 31 7.66 1.06 -37.56
C ARG C 31 6.92 0.43 -36.39
N GLU C 32 6.73 -0.89 -36.44
CA GLU C 32 6.21 -1.66 -35.31
C GLU C 32 7.02 -1.39 -34.05
N GLY C 33 6.36 -1.02 -32.95
CA GLY C 33 7.05 -0.77 -31.68
C GLY C 33 7.22 0.72 -31.37
N ASP C 34 7.12 1.58 -32.39
CA ASP C 34 7.27 3.01 -32.23
C ASP C 34 6.05 3.56 -31.50
N ILE C 35 6.28 4.48 -30.56
CA ILE C 35 5.21 5.02 -29.73
C ILE C 35 4.95 6.48 -30.13
N ARG C 36 3.66 6.81 -30.28
CA ARG C 36 3.18 8.17 -30.46
C ARG C 36 2.03 8.36 -29.47
N GLY C 37 1.63 9.60 -29.20
CA GLY C 37 0.72 9.87 -28.10
C GLY C 37 -0.13 11.10 -28.36
N PRO C 38 -0.57 11.82 -27.31
CA PRO C 38 -1.50 12.93 -27.46
C PRO C 38 -0.89 14.29 -27.85
N CYS C 39 0.44 14.39 -27.84
CA CYS C 39 1.12 15.64 -28.18
C CYS C 39 1.56 15.65 -29.64
N PRO C 40 0.96 16.49 -30.49
CA PRO C 40 1.39 16.60 -31.89
C PRO C 40 2.81 17.16 -32.05
N GLY C 41 3.25 17.99 -31.09
CA GLY C 41 4.61 18.53 -31.11
C GLY C 41 5.67 17.43 -30.99
N LEU C 42 5.57 16.65 -29.92
CA LEU C 42 6.51 15.57 -29.68
C LEU C 42 6.39 14.48 -30.74
N ASN C 43 5.16 14.21 -31.22
CA ASN C 43 4.92 13.24 -32.27
C ASN C 43 5.69 13.62 -33.53
N THR C 44 5.60 14.90 -33.93
CA THR C 44 6.29 15.40 -35.12
C THR C 44 7.80 15.32 -34.93
N LEU C 45 8.30 15.66 -33.73
CA LEU C 45 9.72 15.64 -33.46
C LEU C 45 10.30 14.23 -33.57
N ALA C 46 9.55 13.24 -33.08
CA ALA C 46 9.96 11.85 -33.16
C ALA C 46 9.94 11.35 -34.60
N SER C 47 8.90 11.74 -35.34
CA SER C 47 8.75 11.25 -36.71
C SER C 47 9.73 11.93 -37.67
N HIS C 48 10.43 12.99 -37.21
CA HIS C 48 11.50 13.62 -37.98
C HIS C 48 12.88 13.33 -37.38
N GLY C 49 12.96 12.59 -36.29
CA GLY C 49 14.25 12.22 -35.71
C GLY C 49 14.89 13.32 -34.86
N TYR C 50 14.16 14.38 -34.48
CA TYR C 50 14.60 15.29 -33.43
C TYR C 50 14.61 14.55 -32.10
N LEU C 51 13.62 13.66 -31.89
CA LEU C 51 13.58 12.72 -30.79
C LEU C 51 13.86 11.33 -31.34
N PRO C 52 14.21 10.34 -30.47
CA PRO C 52 14.23 8.94 -30.87
C PRO C 52 12.92 8.54 -31.55
N ARG C 53 13.04 7.82 -32.69
CA ARG C 53 11.89 7.57 -33.54
C ARG C 53 10.93 6.57 -32.90
N ASP C 54 11.40 5.85 -31.87
CA ASP C 54 10.54 4.92 -31.15
C ASP C 54 9.68 5.64 -30.10
N GLY C 55 9.91 6.93 -29.84
CA GLY C 55 9.00 7.70 -29.00
C GLY C 55 9.26 7.52 -27.50
N VAL C 56 10.47 7.09 -27.15
CA VAL C 56 10.95 7.03 -25.78
C VAL C 56 12.25 7.83 -25.69
N ALA C 57 12.32 8.78 -24.74
CA ALA C 57 13.42 9.72 -24.66
C ALA C 57 13.71 10.11 -23.21
N THR C 58 14.90 10.72 -22.98
CA THR C 58 15.21 11.33 -21.71
C THR C 58 14.57 12.71 -21.67
N PRO C 59 14.33 13.28 -20.47
CA PRO C 59 13.91 14.68 -20.36
C PRO C 59 14.82 15.66 -21.10
N ALA C 60 16.13 15.45 -21.00
CA ALA C 60 17.10 16.34 -21.64
C ALA C 60 16.92 16.31 -23.15
N GLN C 61 16.68 15.12 -23.72
CA GLN C 61 16.44 14.98 -25.15
C GLN C 61 15.17 15.73 -25.60
N ILE C 62 14.13 15.69 -24.76
CA ILE C 62 12.86 16.33 -25.08
C ILE C 62 12.99 17.85 -25.09
N ILE C 63 13.74 18.40 -24.13
CA ILE C 63 13.95 19.83 -24.07
C ILE C 63 14.76 20.29 -25.29
N THR C 64 15.85 19.58 -25.62
CA THR C 64 16.68 19.99 -26.75
CA THR C 64 16.68 19.97 -26.75
C THR C 64 15.84 19.94 -28.03
N ALA C 65 15.03 18.87 -28.21
CA ALA C 65 14.23 18.68 -29.42
C ALA C 65 13.17 19.76 -29.60
N THR C 66 12.46 20.10 -28.52
CA THR C 66 11.43 21.15 -28.59
C THR C 66 12.07 22.50 -28.91
N GLN C 67 13.29 22.74 -28.43
CA GLN C 67 14.00 23.99 -28.71
C GLN C 67 14.51 24.01 -30.16
N GLU C 68 15.19 22.95 -30.57
CA GLU C 68 15.79 22.86 -31.90
C GLU C 68 14.70 22.88 -32.97
N GLY C 69 13.65 22.08 -32.78
CA GLY C 69 12.63 21.86 -33.78
C GLY C 69 11.62 23.00 -33.90
N PHE C 70 11.25 23.62 -32.77
CA PHE C 70 10.13 24.55 -32.72
C PHE C 70 10.46 25.89 -32.05
N ASN C 71 11.68 26.04 -31.49
CA ASN C 71 12.04 27.22 -30.70
C ASN C 71 11.13 27.38 -29.48
N PHE C 72 10.73 26.25 -28.88
CA PHE C 72 9.94 26.29 -27.65
C PHE C 72 10.82 26.92 -26.57
N GLU C 73 10.29 27.88 -25.81
CA GLU C 73 11.10 28.62 -24.85
C GLU C 73 11.56 27.67 -23.73
N ASN C 74 12.80 27.86 -23.28
CA ASN C 74 13.50 26.96 -22.36
C ASN C 74 12.69 26.67 -21.10
N ASN C 75 12.15 27.70 -20.43
CA ASN C 75 11.45 27.48 -19.17
C ASN C 75 10.15 26.73 -19.41
N ALA C 76 9.44 27.05 -20.49
CA ALA C 76 8.23 26.34 -20.86
C ALA C 76 8.54 24.86 -21.15
N ALA C 77 9.67 24.60 -21.80
CA ALA C 77 10.10 23.24 -22.07
C ALA C 77 10.37 22.47 -20.77
N ILE C 78 11.04 23.14 -19.82
CA ILE C 78 11.37 22.53 -18.54
C ILE C 78 10.08 22.23 -17.78
N VAL C 79 9.12 23.15 -17.79
CA VAL C 79 7.90 23.01 -17.02
C VAL C 79 7.10 21.82 -17.53
N ALA C 80 6.95 21.71 -18.86
CA ALA C 80 6.18 20.65 -19.49
C ALA C 80 6.92 19.31 -19.36
N THR C 81 8.23 19.32 -19.55
CA THR C 81 8.94 18.05 -19.65
C THR C 81 8.98 17.34 -18.30
N TYR C 82 9.35 18.07 -17.23
CA TYR C 82 9.56 17.43 -15.94
C TYR C 82 8.22 17.13 -15.27
N LEU C 83 7.18 17.91 -15.57
CA LEU C 83 5.82 17.58 -15.20
C LEU C 83 5.46 16.21 -15.76
N GLY C 84 5.65 16.05 -17.07
CA GLY C 84 5.36 14.78 -17.72
C GLY C 84 6.19 13.64 -17.16
N HIS C 85 7.47 13.91 -16.87
CA HIS C 85 8.37 12.88 -16.37
C HIS C 85 8.05 12.51 -14.91
N LEU C 86 7.85 13.50 -14.03
CA LEU C 86 7.57 13.24 -12.63
C LEU C 86 6.35 12.31 -12.51
N LEU C 87 5.29 12.63 -13.26
CA LEU C 87 4.01 11.94 -13.17
C LEU C 87 4.00 10.64 -13.98
N ASN C 88 4.67 10.60 -15.15
CA ASN C 88 4.41 9.55 -16.12
C ASN C 88 5.69 8.82 -16.56
N GLY C 89 6.87 9.21 -16.05
CA GLY C 89 8.12 8.66 -16.54
C GLY C 89 8.76 7.73 -15.52
N ASN C 90 9.85 7.07 -15.94
CA ASN C 90 10.65 6.23 -15.07
C ASN C 90 11.84 7.02 -14.57
N LEU C 91 11.86 7.33 -13.27
CA LEU C 91 12.84 8.24 -12.70
C LEU C 91 14.19 7.58 -12.52
N VAL C 92 14.20 6.24 -12.42
CA VAL C 92 15.42 5.48 -12.22
C VAL C 92 16.19 5.36 -13.53
N THR C 93 15.48 5.04 -14.63
CA THR C 93 16.11 4.92 -15.95
C THR C 93 16.17 6.26 -16.69
N ASP C 94 15.40 7.26 -16.25
CA ASP C 94 15.42 8.60 -16.85
C ASP C 94 14.80 8.55 -18.24
N LEU C 95 13.74 7.74 -18.41
CA LEU C 95 13.09 7.56 -19.70
C LEU C 95 11.58 7.81 -19.56
N LEU C 96 11.04 8.53 -20.55
CA LEU C 96 9.63 8.87 -20.64
C LEU C 96 9.10 8.45 -22.03
N SER C 97 7.96 7.76 -22.05
CA SER C 97 7.23 7.44 -23.26
C SER C 97 6.31 8.60 -23.61
N ILE C 98 6.29 8.99 -24.90
CA ILE C 98 5.47 10.11 -25.33
C ILE C 98 4.04 9.63 -25.59
N GLY C 99 3.82 8.32 -25.43
CA GLY C 99 2.49 7.72 -25.57
C GLY C 99 2.15 6.81 -24.39
N GLY C 100 1.90 5.53 -24.68
CA GLY C 100 1.46 4.56 -23.68
C GLY C 100 2.61 3.78 -23.03
N ALA C 101 2.25 2.78 -22.21
CA ALA C 101 3.21 2.04 -21.41
C ALA C 101 4.00 1.10 -22.29
N THR C 102 5.25 0.86 -21.90
CA THR C 102 6.18 0.12 -22.73
C THR C 102 7.31 -0.39 -21.84
N PRO C 103 7.80 -1.63 -22.06
CA PRO C 103 9.03 -2.09 -21.42
C PRO C 103 10.28 -1.29 -21.78
N LYS C 104 10.24 -0.53 -22.89
CA LYS C 104 11.36 0.31 -23.31
C LYS C 104 11.78 1.30 -22.22
N THR C 105 10.84 1.72 -21.33
CA THR C 105 11.20 2.63 -20.25
C THR C 105 11.81 1.86 -19.07
N GLY C 106 11.79 0.54 -19.15
CA GLY C 106 12.58 -0.29 -18.23
C GLY C 106 11.73 -0.88 -17.11
N PRO C 107 12.37 -1.56 -16.12
CA PRO C 107 11.63 -2.17 -15.01
C PRO C 107 10.65 -1.22 -14.34
N PRO C 108 9.38 -1.62 -14.15
CA PRO C 108 8.35 -0.71 -13.63
C PRO C 108 8.60 -0.23 -12.20
N PRO C 109 8.18 1.00 -11.85
CA PRO C 109 8.40 1.53 -10.50
C PRO C 109 7.44 0.88 -9.50
N PRO C 110 7.66 1.06 -8.19
CA PRO C 110 6.75 0.52 -7.19
C PRO C 110 5.40 1.25 -7.20
N PRO C 111 4.27 0.51 -7.19
CA PRO C 111 2.95 1.16 -7.20
C PRO C 111 2.80 2.03 -5.96
N PRO C 112 1.99 3.10 -5.98
CA PRO C 112 1.14 3.49 -7.11
C PRO C 112 1.74 4.23 -8.32
N ALA C 113 3.06 4.45 -8.35
CA ALA C 113 3.70 4.99 -9.53
C ALA C 113 3.56 3.97 -10.68
N HIS C 114 3.66 4.42 -11.94
CA HIS C 114 3.33 3.57 -13.08
C HIS C 114 4.29 3.72 -14.26
N ALA C 115 4.89 4.92 -14.45
CA ALA C 115 5.68 5.22 -15.65
C ALA C 115 4.91 4.81 -16.91
N GLY C 116 3.65 5.24 -17.01
CA GLY C 116 2.72 4.78 -18.03
C GLY C 116 2.70 5.65 -19.30
N GLY C 117 3.46 6.77 -19.31
CA GLY C 117 3.61 7.61 -20.48
C GLY C 117 2.60 8.75 -20.50
N LEU C 118 2.69 9.61 -21.52
CA LEU C 118 1.89 10.83 -21.63
C LEU C 118 0.42 10.49 -21.85
N ASN C 119 0.12 9.24 -22.23
CA ASN C 119 -1.25 8.78 -22.41
C ASN C 119 -2.05 8.67 -21.11
N VAL C 120 -1.39 8.62 -19.95
CA VAL C 120 -2.12 8.44 -18.70
C VAL C 120 -3.03 9.66 -18.46
N HIS C 121 -4.34 9.39 -18.31
CA HIS C 121 -5.34 10.42 -18.10
C HIS C 121 -5.42 10.80 -16.63
N GLY C 122 -5.66 12.09 -16.33
CA GLY C 122 -6.15 12.46 -15.01
C GLY C 122 -5.33 13.51 -14.27
N THR C 123 -4.00 13.55 -14.45
CA THR C 123 -3.20 14.59 -13.82
C THR C 123 -2.51 15.48 -14.86
N PHE C 124 -2.04 14.92 -16.00
CA PHE C 124 -1.55 15.74 -17.10
C PHE C 124 -2.54 15.77 -18.27
N GLU C 125 -2.53 14.73 -19.12
CA GLU C 125 -3.47 14.62 -20.23
C GLU C 125 -4.89 14.76 -19.71
N GLY C 126 -5.72 15.56 -20.40
CA GLY C 126 -7.12 15.72 -20.01
C GLY C 126 -8.03 16.10 -21.17
N ASP C 127 -9.15 16.74 -20.81
CA ASP C 127 -10.37 16.79 -21.62
C ASP C 127 -10.47 18.12 -22.38
N ALA C 128 -11.36 18.13 -23.38
CA ALA C 128 -11.67 19.31 -24.17
C ALA C 128 -10.47 19.72 -25.03
N GLY C 129 -9.76 18.73 -25.57
CA GLY C 129 -8.71 18.97 -26.55
C GLY C 129 -9.26 19.34 -27.92
N MET C 130 -8.38 19.73 -28.83
CA MET C 130 -8.76 20.23 -30.15
C MET C 130 -8.93 19.07 -31.15
N THR C 131 -7.99 18.11 -31.17
CA THR C 131 -8.01 17.03 -32.15
C THR C 131 -8.03 15.65 -31.48
N ARG C 132 -8.09 15.62 -30.15
CA ARG C 132 -8.19 14.36 -29.40
C ARG C 132 -9.46 14.38 -28.56
N ALA C 133 -10.12 13.21 -28.46
CA ALA C 133 -11.35 13.06 -27.69
C ALA C 133 -11.04 12.78 -26.23
N ASP C 134 -11.98 13.15 -25.35
CA ASP C 134 -11.92 12.89 -23.93
C ASP C 134 -11.77 11.38 -23.69
N GLU C 135 -11.03 11.02 -22.61
CA GLU C 135 -10.75 9.64 -22.29
C GLU C 135 -12.05 8.85 -22.06
N PHE C 136 -13.08 9.52 -21.54
CA PHE C 136 -14.36 8.89 -21.27
C PHE C 136 -14.86 8.14 -22.51
N PHE C 137 -14.57 8.66 -23.71
CA PHE C 137 -15.10 8.09 -24.93
C PHE C 137 -14.19 6.99 -25.49
N GLY C 138 -13.06 6.69 -24.85
CA GLY C 138 -12.35 5.44 -25.13
C GLY C 138 -10.93 5.61 -25.68
N ASP C 139 -10.58 6.79 -26.21
CA ASP C 139 -9.27 6.98 -26.82
C ASP C 139 -8.83 8.44 -26.70
N ASN C 140 -7.82 8.69 -25.85
CA ASN C 140 -7.45 10.05 -25.49
C ASN C 140 -6.22 10.52 -26.27
N HIS C 141 -5.72 9.69 -27.19
CA HIS C 141 -4.40 9.92 -27.79
C HIS C 141 -4.46 10.02 -29.32
N SER C 142 -5.36 9.26 -29.96
CA SER C 142 -5.44 9.22 -31.42
C SER C 142 -6.05 10.50 -31.98
N PHE C 143 -5.54 10.90 -33.16
CA PHE C 143 -6.18 11.95 -33.95
C PHE C 143 -7.61 11.56 -34.29
N ASN C 144 -8.54 12.52 -34.16
CA ASN C 144 -9.97 12.34 -34.33
C ASN C 144 -10.49 13.29 -35.41
N GLN C 145 -10.95 12.72 -36.54
CA GLN C 145 -11.34 13.49 -37.71
C GLN C 145 -12.57 14.37 -37.44
N THR C 146 -13.51 13.86 -36.63
CA THR C 146 -14.71 14.62 -36.30
C THR C 146 -14.31 15.93 -35.63
N LEU C 147 -13.36 15.87 -34.68
CA LEU C 147 -12.91 17.07 -33.98
C LEU C 147 -12.12 17.97 -34.90
N PHE C 148 -11.33 17.39 -35.82
CA PHE C 148 -10.59 18.21 -36.77
C PHE C 148 -11.55 18.94 -37.69
N ASP C 149 -12.71 18.34 -38.01
CA ASP C 149 -13.71 18.98 -38.86
C ASP C 149 -14.26 20.22 -38.16
N LYS C 150 -14.47 20.13 -36.84
CA LYS C 150 -14.91 21.28 -36.03
C LYS C 150 -13.82 22.36 -36.04
N PHE C 151 -12.56 21.94 -35.94
CA PHE C 151 -11.42 22.84 -36.06
C PHE C 151 -11.50 23.61 -37.37
N VAL C 152 -11.75 22.89 -38.47
CA VAL C 152 -11.82 23.48 -39.80
C VAL C 152 -13.02 24.42 -39.87
N ASP C 153 -14.17 23.98 -39.34
CA ASP C 153 -15.40 24.74 -39.40
C ASP C 153 -15.21 26.08 -38.71
N PHE C 154 -14.67 26.06 -37.48
CA PHE C 154 -14.47 27.27 -36.69
C PHE C 154 -13.45 28.18 -37.36
N SER C 155 -12.44 27.60 -38.00
CA SER C 155 -11.48 28.39 -38.77
C SER C 155 -12.17 29.06 -39.96
N ASN C 156 -13.11 28.35 -40.61
CA ASN C 156 -13.89 28.92 -41.71
C ASN C 156 -14.77 30.05 -41.17
N ARG C 157 -15.37 29.85 -39.99
CA ARG C 157 -16.38 30.75 -39.47
C ARG C 157 -15.76 32.00 -38.86
N TYR C 158 -14.54 31.93 -38.30
CA TYR C 158 -13.99 33.02 -37.52
C TYR C 158 -12.62 33.47 -38.00
N GLY C 159 -11.98 32.74 -38.93
CA GLY C 159 -10.61 33.05 -39.30
C GLY C 159 -10.36 33.07 -40.81
N GLY C 160 -11.42 33.25 -41.61
CA GLY C 160 -11.27 33.32 -43.05
C GLY C 160 -10.67 32.06 -43.67
N GLY C 161 -10.81 30.91 -42.98
CA GLY C 161 -10.28 29.64 -43.44
C GLY C 161 -8.93 29.28 -42.81
N PHE C 162 -8.48 30.14 -41.88
CA PHE C 162 -7.20 29.97 -41.19
C PHE C 162 -7.44 29.95 -39.68
N TYR C 163 -6.56 29.26 -38.95
CA TYR C 163 -6.62 29.27 -37.49
C TYR C 163 -5.81 30.46 -36.97
N ASN C 164 -6.49 31.36 -36.25
CA ASN C 164 -5.89 32.53 -35.62
C ASN C 164 -6.47 32.68 -34.21
N LEU C 165 -6.09 33.75 -33.52
CA LEU C 165 -6.43 33.95 -32.11
C LEU C 165 -7.94 33.99 -31.90
N THR C 166 -8.67 34.64 -32.81
CA THR C 166 -10.13 34.70 -32.73
C THR C 166 -10.69 33.29 -32.75
N VAL C 167 -10.20 32.44 -33.66
CA VAL C 167 -10.67 31.07 -33.77
C VAL C 167 -10.37 30.33 -32.46
N ALA C 168 -9.14 30.51 -31.96
CA ALA C 168 -8.71 29.86 -30.73
C ALA C 168 -9.67 30.16 -29.59
N GLY C 169 -10.01 31.44 -29.42
CA GLY C 169 -10.92 31.87 -28.36
C GLY C 169 -12.27 31.16 -28.44
N GLU C 170 -12.83 31.08 -29.66
CA GLU C 170 -14.15 30.51 -29.89
C GLU C 170 -14.10 28.99 -29.74
N LEU C 171 -13.09 28.35 -30.35
CA LEU C 171 -13.00 26.89 -30.33
C LEU C 171 -12.82 26.38 -28.90
N ARG C 172 -11.96 27.03 -28.11
CA ARG C 172 -11.68 26.61 -26.74
C ARG C 172 -13.00 26.50 -25.95
N TYR C 173 -13.83 27.55 -26.02
CA TYR C 173 -15.07 27.61 -25.27
C TYR C 173 -16.04 26.52 -25.76
N SER C 174 -16.18 26.39 -27.08
CA SER C 174 -17.13 25.44 -27.65
C SER C 174 -16.77 24.01 -27.23
N ARG C 175 -15.47 23.68 -27.23
CA ARG C 175 -15.01 22.34 -26.88
C ARG C 175 -15.31 22.05 -25.40
N ILE C 176 -15.17 23.07 -24.54
CA ILE C 176 -15.55 22.95 -23.14
C ILE C 176 -17.04 22.60 -23.06
N GLN C 177 -17.87 23.33 -23.81
CA GLN C 177 -19.31 23.07 -23.83
C GLN C 177 -19.59 21.64 -24.31
N ASP C 178 -18.92 21.20 -25.38
CA ASP C 178 -19.09 19.83 -25.87
C ASP C 178 -18.93 18.83 -24.74
N SER C 179 -17.89 19.00 -23.92
CA SER C 179 -17.57 18.06 -22.86
C SER C 179 -18.58 18.16 -21.71
N ILE C 180 -19.02 19.38 -21.37
CA ILE C 180 -20.03 19.55 -20.33
C ILE C 180 -21.28 18.74 -20.72
N ALA C 181 -21.68 18.86 -21.99
CA ALA C 181 -22.92 18.29 -22.50
C ALA C 181 -22.83 16.77 -22.66
N THR C 182 -21.64 16.22 -22.87
CA THR C 182 -21.52 14.84 -23.34
C THR C 182 -20.71 13.94 -22.40
N ASN C 183 -19.88 14.51 -21.52
CA ASN C 183 -18.95 13.72 -20.72
C ASN C 183 -19.30 13.89 -19.25
N PRO C 184 -19.91 12.88 -18.60
CA PRO C 184 -20.29 13.01 -17.19
C PRO C 184 -19.12 13.00 -16.22
N GLU C 185 -17.94 12.55 -16.70
CA GLU C 185 -16.71 12.52 -15.93
C GLU C 185 -15.79 13.70 -16.25
N PHE C 186 -16.30 14.69 -17.00
CA PHE C 186 -15.52 15.85 -17.43
C PHE C 186 -14.89 16.59 -16.26
N GLN C 187 -13.56 16.73 -16.32
CA GLN C 187 -12.79 17.54 -15.39
C GLN C 187 -12.01 18.60 -16.16
N PHE C 188 -11.99 19.82 -15.61
CA PHE C 188 -11.23 20.93 -16.20
C PHE C 188 -10.62 21.79 -15.10
N LYS C 189 -9.66 21.22 -14.35
CA LYS C 189 -9.07 21.89 -13.20
C LYS C 189 -7.57 21.60 -13.11
N ASN C 190 -6.88 22.36 -12.24
CA ASN C 190 -5.48 22.18 -11.93
C ASN C 190 -4.64 22.16 -13.22
N VAL C 191 -3.90 21.08 -13.48
CA VAL C 191 -2.98 21.05 -14.59
C VAL C 191 -3.73 21.30 -15.90
N ARG C 192 -4.85 20.61 -16.09
CA ARG C 192 -5.55 20.66 -17.37
C ARG C 192 -6.04 22.08 -17.65
N PHE C 193 -6.56 22.77 -16.63
CA PHE C 193 -7.06 24.12 -16.81
C PHE C 193 -5.96 25.03 -17.37
N ILE C 194 -4.72 24.88 -16.86
CA ILE C 194 -3.64 25.76 -17.25
C ILE C 194 -3.11 25.36 -18.63
N THR C 195 -2.80 24.08 -18.83
CA THR C 195 -2.16 23.62 -20.05
C THR C 195 -3.09 23.76 -21.25
N ALA C 196 -4.41 23.70 -21.03
CA ALA C 196 -5.38 23.72 -22.12
C ALA C 196 -5.38 25.07 -22.85
N TYR C 197 -5.17 26.18 -22.13
CA TYR C 197 -5.20 27.49 -22.78
C TYR C 197 -3.92 27.67 -23.60
N GLY C 198 -2.78 27.17 -23.06
CA GLY C 198 -1.52 27.25 -23.78
C GLY C 198 -1.55 26.44 -25.07
N GLU C 199 -2.16 25.26 -25.03
CA GLU C 199 -2.20 24.36 -26.18
C GLU C 199 -2.94 25.02 -27.34
N THR C 200 -3.94 25.87 -27.05
CA THR C 200 -4.76 26.46 -28.10
C THR C 200 -3.98 27.52 -28.88
N VAL C 201 -2.89 28.08 -28.31
CA VAL C 201 -2.12 29.10 -29.00
C VAL C 201 -0.83 28.54 -29.60
N PHE C 202 -0.38 27.37 -29.14
CA PHE C 202 0.82 26.76 -29.70
C PHE C 202 0.71 26.64 -31.22
N PRO C 203 -0.44 26.26 -31.83
CA PRO C 203 -0.55 26.21 -33.29
C PRO C 203 -0.20 27.51 -33.99
N ILE C 204 -0.53 28.64 -33.33
CA ILE C 204 -0.25 29.97 -33.86
C ILE C 204 1.22 30.32 -33.68
N ASN C 205 1.73 30.13 -32.45
CA ASN C 205 3.06 30.63 -32.08
C ASN C 205 4.16 29.70 -32.56
N LEU C 206 3.87 28.40 -32.75
CA LEU C 206 4.92 27.44 -33.06
C LEU C 206 4.68 26.66 -34.36
N PHE C 207 3.43 26.50 -34.82
CA PHE C 207 3.15 25.68 -36.00
C PHE C 207 3.17 26.53 -37.27
N VAL C 208 3.01 27.85 -37.10
CA VAL C 208 3.09 28.80 -38.20
C VAL C 208 4.57 29.11 -38.46
N ASP C 209 4.94 29.04 -39.74
CA ASP C 209 6.30 29.24 -40.19
C ASP C 209 6.85 30.56 -39.63
N GLY C 210 8.12 30.53 -39.20
CA GLY C 210 8.73 31.64 -38.48
C GLY C 210 9.07 32.85 -39.36
N ARG C 211 9.15 32.65 -40.69
CA ARG C 211 9.33 33.72 -41.65
C ARG C 211 8.06 34.57 -41.76
N VAL C 212 6.90 34.04 -41.31
CA VAL C 212 5.66 34.79 -41.33
C VAL C 212 5.61 35.67 -40.09
N THR C 213 5.55 36.99 -40.25
CA THR C 213 5.74 37.89 -39.12
C THR C 213 4.53 38.79 -38.89
N THR C 214 3.68 39.00 -39.91
CA THR C 214 2.44 39.74 -39.71
C THR C 214 1.28 38.76 -39.90
N ASP C 215 0.21 38.94 -39.10
CA ASP C 215 -1.05 38.22 -39.29
C ASP C 215 -0.79 36.71 -39.27
N ARG C 216 -0.16 36.24 -38.20
CA ARG C 216 0.22 34.84 -38.08
C ARG C 216 -1.03 33.99 -37.96
N LYS C 217 -1.17 33.01 -38.84
CA LYS C 217 -2.36 32.17 -38.93
C LYS C 217 -1.97 30.84 -39.59
N LEU C 218 -2.64 29.76 -39.19
CA LEU C 218 -2.27 28.43 -39.65
C LEU C 218 -3.26 27.93 -40.71
N SER C 219 -2.75 27.49 -41.86
CA SER C 219 -3.56 26.87 -42.89
C SER C 219 -4.03 25.50 -42.42
N MET C 220 -5.16 25.01 -42.94
CA MET C 220 -5.67 23.70 -42.57
C MET C 220 -4.76 22.58 -43.06
N GLU C 221 -4.04 22.82 -44.17
CA GLU C 221 -3.13 21.84 -44.72
C GLU C 221 -1.97 21.60 -43.76
N ASP C 222 -1.41 22.71 -43.23
CA ASP C 222 -0.31 22.66 -42.27
C ASP C 222 -0.81 22.04 -40.96
N ALA C 223 -2.00 22.44 -40.49
CA ALA C 223 -2.61 21.83 -39.32
C ALA C 223 -2.77 20.31 -39.49
N ALA C 224 -3.25 19.85 -40.65
CA ALA C 224 -3.49 18.43 -40.86
C ALA C 224 -2.15 17.70 -40.82
N SER C 225 -1.15 18.31 -41.46
CA SER C 225 0.17 17.72 -41.58
C SER C 225 0.74 17.43 -40.19
N ILE C 226 0.60 18.35 -39.24
CA ILE C 226 1.21 18.19 -37.92
C ILE C 226 0.30 17.34 -37.03
N PHE C 227 -0.97 17.75 -36.90
CA PHE C 227 -1.91 17.12 -35.99
C PHE C 227 -2.22 15.67 -36.36
N ARG C 228 -2.25 15.34 -37.67
CA ARG C 228 -2.59 13.99 -38.10
C ARG C 228 -1.37 13.20 -38.54
N ASP C 229 -0.51 13.78 -39.40
CA ASP C 229 0.55 13.01 -40.03
C ASP C 229 1.89 13.12 -39.31
N MET C 230 1.98 13.99 -38.29
CA MET C 230 3.19 14.14 -37.49
C MET C 230 4.34 14.61 -38.37
N ARG C 231 4.05 15.52 -39.31
CA ARG C 231 4.98 15.95 -40.35
C ARG C 231 5.04 17.47 -40.37
N PHE C 232 6.26 18.00 -40.35
CA PHE C 232 6.47 19.41 -40.63
C PHE C 232 6.00 19.73 -42.04
N PRO C 233 5.39 20.92 -42.25
CA PRO C 233 5.20 21.46 -43.60
C PRO C 233 6.50 21.45 -44.39
N ASP C 234 6.39 21.35 -45.73
CA ASP C 234 7.54 21.45 -46.61
C ASP C 234 8.28 22.74 -46.30
N ASP C 235 9.62 22.67 -46.22
CA ASP C 235 10.46 23.85 -46.06
C ASP C 235 10.15 24.58 -44.74
N PHE C 236 9.72 23.87 -43.70
CA PHE C 236 9.25 24.51 -42.49
C PHE C 236 10.40 25.20 -41.74
N HIS C 237 10.17 26.46 -41.41
CA HIS C 237 11.11 27.25 -40.64
C HIS C 237 10.46 27.55 -39.28
N ARG C 238 11.16 27.23 -38.20
CA ARG C 238 10.62 27.44 -36.86
C ARG C 238 10.49 28.93 -36.54
N SER C 239 9.75 29.22 -35.46
CA SER C 239 9.58 30.55 -34.88
C SER C 239 10.92 31.28 -34.83
N ALA C 240 10.91 32.57 -35.17
CA ALA C 240 12.14 33.36 -35.24
C ALA C 240 12.55 33.79 -33.83
N VAL C 241 11.67 33.57 -32.84
CA VAL C 241 11.94 33.86 -31.43
C VAL C 241 11.55 32.65 -30.60
N PRO C 242 12.20 32.40 -29.43
CA PRO C 242 11.69 31.43 -28.45
C PRO C 242 10.26 31.80 -28.07
N ALA C 243 9.36 30.81 -28.01
CA ALA C 243 7.96 31.12 -27.78
C ALA C 243 7.26 29.98 -27.04
N SER C 244 6.13 30.31 -26.41
CA SER C 244 5.38 29.43 -25.54
C SER C 244 3.89 29.78 -25.66
N ASN C 245 3.27 30.38 -24.62
CA ASN C 245 1.82 30.51 -24.58
C ASN C 245 1.37 31.97 -24.74
N GLU C 246 2.06 32.74 -25.59
CA GLU C 246 1.68 34.12 -25.86
C GLU C 246 0.27 34.13 -26.46
N GLY C 247 -0.60 34.96 -25.87
CA GLY C 247 -1.96 35.14 -26.35
C GLY C 247 -2.98 34.29 -25.59
N ALA C 248 -2.51 33.42 -24.69
CA ALA C 248 -3.39 32.51 -23.97
C ALA C 248 -4.35 33.29 -23.07
N ASP C 249 -3.89 34.44 -22.56
CA ASP C 249 -4.71 35.33 -21.76
C ASP C 249 -5.91 35.86 -22.57
N GLN C 250 -5.70 36.14 -23.86
CA GLN C 250 -6.77 36.64 -24.71
C GLN C 250 -7.81 35.54 -24.96
N VAL C 251 -7.38 34.28 -25.05
CA VAL C 251 -8.29 33.17 -25.28
C VAL C 251 -9.25 33.04 -24.09
N LEU C 252 -8.71 33.15 -22.88
CA LEU C 252 -9.51 33.11 -21.67
C LEU C 252 -10.44 34.32 -21.60
N ALA C 253 -9.94 35.50 -22.00
CA ALA C 253 -10.71 36.73 -21.92
C ALA C 253 -11.94 36.68 -22.82
N ALA C 254 -11.84 36.00 -23.98
CA ALA C 254 -12.93 35.91 -24.94
C ALA C 254 -14.14 35.20 -24.35
N HIS C 255 -13.90 34.16 -23.52
CA HIS C 255 -14.97 33.48 -22.82
C HIS C 255 -14.50 33.11 -21.41
N PRO C 256 -14.55 34.05 -20.45
CA PRO C 256 -14.11 33.80 -19.07
C PRO C 256 -14.69 32.50 -18.53
N TRP C 257 -13.83 31.69 -17.92
CA TRP C 257 -14.19 30.37 -17.43
C TRP C 257 -13.41 30.07 -16.16
N VAL C 258 -14.01 29.25 -15.29
CA VAL C 258 -13.43 28.96 -13.98
C VAL C 258 -13.14 27.46 -13.91
N PRO C 259 -12.02 27.04 -13.27
CA PRO C 259 -11.73 25.61 -13.13
C PRO C 259 -12.84 24.88 -12.36
N GLY C 260 -13.08 23.62 -12.73
CA GLY C 260 -14.09 22.80 -12.09
C GLY C 260 -14.30 21.49 -12.88
N GLY C 261 -15.54 20.99 -12.86
CA GLY C 261 -15.91 19.78 -13.58
C GLY C 261 -17.39 19.43 -13.36
N ASN C 262 -17.90 18.50 -14.18
CA ASN C 262 -19.23 17.94 -13.98
C ASN C 262 -19.24 17.10 -12.70
N ALA C 263 -20.23 17.31 -11.82
CA ALA C 263 -20.31 16.59 -10.56
C ALA C 263 -21.25 15.38 -10.67
N ASP C 264 -20.94 14.34 -9.87
CA ASP C 264 -21.81 13.20 -9.62
C ASP C 264 -22.15 12.45 -10.90
N ASN C 265 -21.12 12.11 -11.67
CA ASN C 265 -21.25 11.32 -12.88
C ASN C 265 -22.48 11.78 -13.68
N GLN C 266 -22.68 13.10 -13.80
CA GLN C 266 -23.83 13.65 -14.51
C GLN C 266 -23.37 14.73 -15.49
N VAL C 267 -24.00 14.77 -16.67
CA VAL C 267 -23.74 15.79 -17.66
C VAL C 267 -24.47 17.08 -17.27
N ASN C 268 -24.10 18.17 -17.96
CA ASN C 268 -24.64 19.50 -17.74
C ASN C 268 -24.76 19.82 -16.24
N ASN C 269 -23.71 19.52 -15.48
CA ASN C 269 -23.69 19.73 -14.05
C ASN C 269 -22.31 20.25 -13.63
N TYR C 270 -21.86 21.33 -14.27
CA TYR C 270 -20.52 21.86 -14.05
C TYR C 270 -20.49 22.67 -12.75
N VAL C 271 -19.57 22.29 -11.84
CA VAL C 271 -19.39 22.96 -10.56
C VAL C 271 -17.97 23.53 -10.48
N GLU C 272 -17.86 24.82 -10.10
CA GLU C 272 -16.59 25.49 -9.91
CA GLU C 272 -16.59 25.50 -9.89
C GLU C 272 -15.80 24.81 -8.78
N ASP C 273 -14.47 24.79 -8.92
CA ASP C 273 -13.57 24.34 -7.86
C ASP C 273 -12.75 25.52 -7.39
N PRO C 274 -13.03 26.09 -6.19
CA PRO C 274 -12.32 27.29 -5.74
C PRO C 274 -10.90 27.04 -5.21
N ASP C 275 -10.53 25.76 -5.01
CA ASP C 275 -9.20 25.38 -4.55
C ASP C 275 -8.22 25.14 -5.71
N SER C 276 -8.74 25.02 -6.92
CA SER C 276 -7.93 24.74 -8.10
C SER C 276 -6.98 25.90 -8.38
N ALA C 277 -5.83 25.58 -8.99
CA ALA C 277 -5.00 26.60 -9.60
C ALA C 277 -5.79 27.32 -10.69
N ASP C 278 -5.43 28.59 -10.91
CA ASP C 278 -5.91 29.37 -12.05
C ASP C 278 -4.75 30.28 -12.44
N PHE C 279 -5.00 31.30 -13.29
CA PHE C 279 -3.92 32.06 -13.88
C PHE C 279 -3.42 33.16 -12.95
N THR C 280 -4.14 33.44 -11.85
CA THR C 280 -3.65 34.37 -10.84
C THR C 280 -3.20 33.62 -9.58
N HIS C 281 -3.32 32.28 -9.61
CA HIS C 281 -2.95 31.42 -8.49
C HIS C 281 -2.17 30.21 -9.03
N LEU C 282 -1.00 30.47 -9.64
CA LEU C 282 -0.23 29.48 -10.38
C LEU C 282 0.60 28.59 -9.47
N CYS C 283 1.06 29.11 -8.33
CA CYS C 283 1.90 28.32 -7.44
C CYS C 283 1.11 27.17 -6.83
N ARG C 284 -0.23 27.24 -6.83
CA ARG C 284 -1.05 26.10 -6.44
C ARG C 284 -0.74 24.89 -7.30
N LEU C 285 -0.45 25.13 -8.60
CA LEU C 285 -0.12 24.06 -9.52
C LEU C 285 1.16 23.40 -9.07
N TYR C 286 2.17 24.21 -8.69
CA TYR C 286 3.42 23.69 -8.17
C TYR C 286 3.10 22.73 -7.02
N GLU C 287 2.27 23.18 -6.08
CA GLU C 287 1.96 22.40 -4.88
C GLU C 287 1.08 21.19 -5.16
N PHE C 288 0.08 21.31 -6.07
CA PHE C 288 -0.75 20.17 -6.46
C PHE C 288 0.14 19.01 -6.93
N VAL C 289 1.17 19.31 -7.73
CA VAL C 289 2.02 18.28 -8.33
C VAL C 289 2.98 17.71 -7.30
N VAL C 290 3.56 18.54 -6.42
CA VAL C 290 4.40 18.01 -5.35
C VAL C 290 3.58 16.96 -4.60
N GLY C 291 2.32 17.31 -4.30
CA GLY C 291 1.38 16.41 -3.63
C GLY C 291 1.11 15.14 -4.43
N SER C 292 0.86 15.28 -5.75
CA SER C 292 0.59 14.13 -6.60
C SER C 292 1.79 13.18 -6.61
N VAL C 293 2.99 13.76 -6.63
CA VAL C 293 4.21 12.99 -6.66
C VAL C 293 4.36 12.20 -5.35
N GLN C 294 4.01 12.84 -4.22
CA GLN C 294 4.05 12.21 -2.91
C GLN C 294 3.10 11.02 -2.85
N GLU C 295 1.93 11.12 -3.52
CA GLU C 295 1.00 10.00 -3.60
C GLU C 295 1.59 8.87 -4.43
N LEU C 296 2.28 9.18 -5.54
CA LEU C 296 2.85 8.16 -6.41
C LEU C 296 4.04 7.51 -5.71
N TYR C 297 4.80 8.31 -4.93
CA TYR C 297 6.06 7.90 -4.33
C TYR C 297 6.05 8.18 -2.83
N PRO C 298 5.30 7.38 -2.03
CA PRO C 298 5.10 7.68 -0.61
C PRO C 298 6.32 7.55 0.29
N ASN C 299 7.22 6.60 0.02
CA ASN C 299 8.37 6.44 0.91
C ASN C 299 9.61 5.96 0.17
N PRO C 300 10.13 6.73 -0.82
CA PRO C 300 11.25 6.28 -1.64
C PRO C 300 12.57 6.26 -0.88
N THR C 301 13.44 5.29 -1.22
CA THR C 301 14.82 5.27 -0.75
C THR C 301 15.74 5.02 -1.94
N GLY C 302 17.04 5.29 -1.74
CA GLY C 302 18.08 4.92 -2.70
C GLY C 302 18.11 5.83 -3.92
N ILE C 303 18.38 5.22 -5.08
CA ILE C 303 18.51 5.90 -6.36
C ILE C 303 17.19 6.60 -6.70
N LEU C 304 16.09 5.93 -6.39
CA LEU C 304 14.77 6.46 -6.64
C LEU C 304 14.58 7.78 -5.90
N ARG C 305 14.95 7.80 -4.61
CA ARG C 305 14.85 9.00 -3.79
CA ARG C 305 14.87 8.99 -3.78
C ARG C 305 15.72 10.10 -4.39
N ARG C 306 16.97 9.76 -4.74
CA ARG C 306 17.91 10.73 -5.27
C ARG C 306 17.36 11.36 -6.55
N ASN C 307 16.84 10.52 -7.47
CA ASN C 307 16.40 10.98 -8.78
C ASN C 307 15.12 11.83 -8.64
N LEU C 308 14.27 11.46 -7.70
CA LEU C 308 13.11 12.27 -7.35
C LEU C 308 13.52 13.66 -6.88
N ILE C 309 14.51 13.73 -5.98
CA ILE C 309 14.94 15.02 -5.45
C ILE C 309 15.43 15.89 -6.60
N LYS C 310 16.26 15.31 -7.48
CA LYS C 310 16.85 16.03 -8.59
C LYS C 310 15.78 16.52 -9.57
N ASN C 311 14.88 15.62 -9.99
CA ASN C 311 13.86 15.94 -10.97
C ASN C 311 12.89 16.98 -10.42
N LEU C 312 12.62 16.95 -9.10
CA LEU C 312 11.77 17.95 -8.48
C LEU C 312 12.43 19.32 -8.52
N HIS C 313 13.74 19.39 -8.23
CA HIS C 313 14.49 20.63 -8.30
C HIS C 313 14.51 21.15 -9.74
N TYR C 314 14.77 20.25 -10.69
CA TYR C 314 14.82 20.60 -12.09
C TYR C 314 13.50 21.24 -12.53
N TRP C 315 12.37 20.65 -12.13
CA TRP C 315 11.07 21.19 -12.46
C TRP C 315 10.90 22.59 -11.86
N TRP C 316 11.32 22.77 -10.59
CA TRP C 316 11.18 24.05 -9.91
C TRP C 316 11.94 25.16 -10.66
N THR C 317 13.10 24.86 -11.24
CA THR C 317 13.90 25.86 -11.94
C THR C 317 13.08 26.48 -13.07
N GLY C 318 12.28 25.66 -13.78
CA GLY C 318 11.38 26.17 -14.80
C GLY C 318 10.17 26.90 -14.22
N VAL C 319 9.56 26.28 -13.20
CA VAL C 319 8.37 26.82 -12.56
C VAL C 319 8.66 28.22 -12.01
N ASN C 320 9.84 28.40 -11.39
CA ASN C 320 10.17 29.63 -10.70
C ASN C 320 10.04 30.82 -11.67
N VAL C 321 10.60 30.65 -12.87
CA VAL C 321 10.62 31.73 -13.86
C VAL C 321 9.21 31.86 -14.46
N ALA C 322 8.58 30.73 -14.74
CA ALA C 322 7.34 30.70 -15.50
C ALA C 322 6.14 31.13 -14.68
N PHE C 323 6.13 30.92 -13.36
CA PHE C 323 5.01 31.30 -12.50
C PHE C 323 5.31 32.59 -11.75
N GLY C 324 6.49 33.18 -11.96
CA GLY C 324 6.85 34.45 -11.34
C GLY C 324 7.19 34.34 -9.86
N GLY C 325 7.87 33.25 -9.47
CA GLY C 325 8.31 33.03 -8.10
C GLY C 325 7.38 32.09 -7.34
N CYS C 326 7.90 30.89 -7.02
CA CYS C 326 7.25 29.97 -6.09
C CYS C 326 8.33 29.51 -5.12
N ASP C 327 7.99 29.37 -3.83
CA ASP C 327 8.91 28.77 -2.88
C ASP C 327 9.01 27.28 -3.18
N GLU C 328 10.26 26.81 -3.33
CA GLU C 328 10.54 25.40 -3.56
C GLU C 328 10.17 24.58 -2.33
N LEU C 329 9.53 23.42 -2.56
CA LEU C 329 9.21 22.44 -1.55
C LEU C 329 10.21 21.28 -1.62
N PHE C 330 10.48 20.65 -0.47
CA PHE C 330 11.44 19.56 -0.36
C PHE C 330 10.80 18.34 0.32
N PRO C 331 9.83 17.66 -0.32
CA PRO C 331 9.13 16.54 0.32
C PRO C 331 10.01 15.35 0.70
N TYR C 332 11.17 15.20 0.04
CA TYR C 332 12.10 14.11 0.35
C TYR C 332 13.42 14.69 0.89
N GLY C 333 13.35 15.94 1.36
CA GLY C 333 14.53 16.61 1.90
C GLY C 333 15.56 16.90 0.81
N GLN C 334 16.84 16.79 1.18
CA GLN C 334 17.96 17.17 0.32
C GLN C 334 18.89 15.97 0.13
N LEU C 335 19.82 16.10 -0.83
CA LEU C 335 20.73 15.02 -1.17
C LEU C 335 21.77 14.79 -0.07
#